data_1KB5
#
_entry.id   1KB5
#
_cell.length_a   187.310
_cell.length_b   80.950
_cell.length_c   52.080
_cell.angle_alpha   90.00
_cell.angle_beta   90.00
_cell.angle_gamma   90.00
#
_symmetry.space_group_name_H-M   'P 21 21 2'
#
loop_
_entity.id
_entity.type
_entity.pdbx_description
1 polymer 'KB5-C20 T-CELL ANTIGEN RECEPTOR'
2 polymer 'KB5-C20 T-CELL ANTIGEN RECEPTOR'
3 polymer 'ANTIBODY DESIRE-1'
4 polymer 'ANTIBODY DESIRE-1'
5 water water
#
loop_
_entity_poly.entity_id
_entity_poly.type
_entity_poly.pdbx_seq_one_letter_code
_entity_poly.pdbx_strand_id
1 'polypeptide(L)'
;QQVRQSPQSLTVWEGETAILNCSYEDSTFNYFPWYQQFPGEGPALLISIRSVSDKKEDGRFTIFFNKREKKLSLHITDSQ
PGDSATYFCAARYQGGRALIFGTGTTVSVSPGSAD
;
A
2 'polypeptide(L)'
;VTLLEQNPRWRLVPRGQAVNLRCILKNSQYPWMSWYQQDLQKQLQWLFTLRSPGDKEVKSLPGADYLATRVTDTELRLQV
ANMSQGRTLYCTCSAAPDWGASAETLYFGSGTRLTVL
;
B
3 'polypeptide(L)'
;DIQMTQSPASLSASVGETVTITCRASKNIYSYLAWYQQKQGKSPQLLVYNAKTLGEGVPSRFSGSGSGTQFSLKINSLQP
EDFGSYYCQHHYGTPYTFGGGTKLEIKRADAAPTVSIFPPSSEQLTSGGASVVCFLNNFYPKDINVKWKIDGSERQNGVL
NSWTDQDSKDSTYSMSSTLTLTKDEYERHNSYTCEATHKTSTSPIVKSFNRNEC
;
L
4 'polypeptide(L)'
;EVQLQQSGPELEKPGASVKISCKASGYSFTGYNMNWVKQSNGKSLEWIGNIDPYYGGISYNQKFKGRATLTVDKSSSTAY
MQLKSLTSEDSAVYYCARSRTDLYYFDYWGQGTTLTVSSAKTTAPSVYPLAPVCGDTTGSSVTLGCLVKGYFPEPVTLTW
NSGSLSSGVHTFPAVLQSDLYTLSSSVTVTSSTWPSQSITCNVAHPASSTKVDKKIEPR
;
H
#
# COMPACT_ATOMS: atom_id res chain seq x y z
N GLN A 1 18.93 -10.76 4.13
CA GLN A 1 19.07 -11.44 5.45
C GLN A 1 18.49 -10.62 6.60
N GLN A 2 17.26 -11.00 6.99
CA GLN A 2 16.63 -10.29 8.11
C GLN A 2 17.30 -10.67 9.42
N VAL A 3 17.70 -11.93 9.56
CA VAL A 3 18.40 -12.37 10.75
C VAL A 3 19.70 -13.04 10.29
N ARG A 4 20.83 -12.61 10.88
CA ARG A 4 22.09 -13.17 10.44
C ARG A 4 22.98 -13.71 11.53
N GLN A 5 23.59 -14.85 11.18
CA GLN A 5 24.48 -15.49 12.13
C GLN A 5 25.81 -15.93 11.55
N SER A 6 26.76 -15.90 12.50
CA SER A 6 28.14 -16.26 12.38
C SER A 6 28.66 -16.91 13.63
N PRO A 7 29.55 -17.84 13.58
CA PRO A 7 30.21 -18.47 12.48
C PRO A 7 29.28 -19.37 11.68
N GLN A 8 29.83 -20.22 10.82
CA GLN A 8 28.97 -21.11 10.08
C GLN A 8 29.43 -22.55 10.26
N SER A 9 30.51 -22.74 10.97
CA SER A 9 31.16 -24.01 11.26
C SER A 9 32.15 -23.85 12.42
N LEU A 10 31.83 -24.31 13.62
CA LEU A 10 32.88 -24.20 14.66
C LEU A 10 33.19 -25.61 15.17
N THR A 11 34.46 -25.96 15.15
CA THR A 11 34.94 -27.28 15.62
C THR A 11 35.64 -27.08 16.93
N VAL A 12 35.25 -27.77 17.99
CA VAL A 12 35.90 -27.39 19.29
C VAL A 12 36.21 -28.57 20.15
N TRP A 13 37.33 -28.64 20.88
CA TRP A 13 37.62 -29.78 21.77
C TRP A 13 36.54 -29.84 22.86
N GLU A 14 36.24 -31.05 23.33
CA GLU A 14 35.21 -31.13 24.39
C GLU A 14 35.73 -30.52 25.67
N GLY A 15 34.95 -29.72 26.38
CA GLY A 15 35.31 -29.05 27.63
C GLY A 15 35.29 -27.53 27.42
N GLU A 16 35.54 -27.16 26.18
CA GLU A 16 35.60 -25.84 25.65
C GLU A 16 34.32 -25.05 25.53
N THR A 17 34.44 -23.72 25.41
CA THR A 17 33.23 -22.90 25.26
C THR A 17 33.06 -22.51 23.79
N ALA A 18 31.82 -22.39 23.36
CA ALA A 18 31.51 -22.00 21.99
C ALA A 18 30.72 -20.71 21.95
N ILE A 19 31.02 -19.79 21.02
CA ILE A 19 30.23 -18.58 20.91
C ILE A 19 29.65 -18.49 19.49
N LEU A 20 28.33 -18.52 19.45
CA LEU A 20 27.60 -18.38 18.19
C LEU A 20 26.98 -16.97 18.21
N ASN A 21 27.24 -16.21 17.15
CA ASN A 21 26.72 -14.85 17.12
C ASN A 21 25.52 -14.68 16.20
N CYS A 22 24.82 -13.55 16.46
CA CYS A 22 23.67 -13.34 15.59
C CYS A 22 23.13 -11.94 15.72
N SER A 23 22.55 -11.40 14.64
CA SER A 23 21.97 -10.07 14.63
C SER A 23 20.80 -9.96 13.65
N TYR A 24 19.92 -9.03 14.00
CA TYR A 24 18.74 -8.76 13.18
C TYR A 24 18.65 -7.27 12.83
N GLU A 25 18.04 -6.94 11.68
CA GLU A 25 17.93 -5.56 11.26
C GLU A 25 16.60 -4.90 11.63
N ASP A 26 15.55 -5.66 11.71
CA ASP A 26 14.22 -5.12 12.02
C ASP A 26 14.01 -5.02 13.52
N SER A 27 14.26 -3.83 14.06
CA SER A 27 14.19 -3.47 15.44
C SER A 27 13.14 -4.07 16.34
N THR A 28 11.89 -4.20 15.88
CA THR A 28 10.89 -4.70 16.81
C THR A 28 10.30 -6.07 16.59
N PHE A 29 11.29 -6.95 16.35
CA PHE A 29 11.13 -8.41 16.36
C PHE A 29 11.24 -8.54 17.93
N ASN A 30 10.42 -9.32 18.60
CA ASN A 30 10.61 -9.31 20.05
C ASN A 30 11.06 -10.58 20.70
N TYR A 31 10.91 -11.74 20.10
CA TYR A 31 11.30 -13.02 20.67
C TYR A 31 12.38 -13.64 19.82
N PHE A 32 13.48 -14.01 20.48
CA PHE A 32 14.67 -14.57 19.91
C PHE A 32 15.06 -15.95 20.38
N PRO A 33 14.43 -16.99 19.88
CA PRO A 33 14.68 -18.37 20.20
C PRO A 33 15.81 -19.05 19.45
N TRP A 34 16.68 -19.83 20.07
CA TRP A 34 17.71 -20.53 19.26
C TRP A 34 17.27 -21.99 19.12
N TYR A 35 17.73 -22.75 18.15
CA TYR A 35 17.27 -24.11 17.93
C TYR A 35 18.48 -24.98 17.59
N GLN A 36 18.28 -26.26 17.94
CA GLN A 36 19.25 -27.32 17.82
C GLN A 36 18.71 -28.40 16.89
N GLN A 37 19.63 -28.88 16.04
CA GLN A 37 19.20 -29.88 15.09
C GLN A 37 20.19 -30.99 14.83
N PHE A 38 19.76 -32.16 15.35
CA PHE A 38 20.59 -33.34 15.20
C PHE A 38 20.26 -34.00 13.89
N PRO A 39 21.30 -34.43 13.24
CA PRO A 39 21.27 -35.16 11.98
C PRO A 39 19.99 -35.97 11.88
N GLY A 40 19.28 -35.88 10.77
CA GLY A 40 18.06 -36.58 10.52
C GLY A 40 16.84 -36.25 11.33
N GLU A 41 16.86 -35.25 12.22
CA GLU A 41 15.69 -34.93 13.01
C GLU A 41 15.28 -33.47 12.84
N GLY A 42 14.00 -33.21 13.12
CA GLY A 42 13.39 -31.90 13.08
C GLY A 42 14.07 -30.94 14.05
N PRO A 43 14.18 -29.68 13.66
CA PRO A 43 14.82 -28.66 14.49
C PRO A 43 14.20 -28.58 15.88
N ALA A 44 14.94 -28.66 16.99
CA ALA A 44 14.32 -28.58 18.32
C ALA A 44 14.73 -27.43 19.20
N LEU A 45 13.79 -26.58 19.62
CA LEU A 45 14.12 -25.40 20.43
C LEU A 45 15.13 -25.73 21.51
N LEU A 46 16.06 -24.83 21.78
CA LEU A 46 17.12 -24.97 22.75
C LEU A 46 17.04 -23.98 23.90
N ILE A 47 17.06 -22.70 23.57
CA ILE A 47 16.96 -21.60 24.55
C ILE A 47 16.34 -20.38 23.90
N SER A 48 15.72 -19.49 24.67
CA SER A 48 15.05 -18.34 24.07
C SER A 48 15.18 -17.10 24.92
N ILE A 49 14.98 -15.94 24.31
CA ILE A 49 15.06 -14.69 25.06
C ILE A 49 14.12 -13.62 24.54
N ARG A 50 13.22 -13.17 25.45
CA ARG A 50 12.32 -12.09 25.07
C ARG A 50 13.24 -10.88 24.79
N SER A 51 12.75 -9.82 24.16
CA SER A 51 13.66 -8.70 23.85
C SER A 51 13.96 -7.87 25.08
N VAL A 52 13.05 -7.85 26.05
CA VAL A 52 13.25 -7.07 27.28
C VAL A 52 14.07 -7.85 28.30
N SER A 53 15.35 -8.11 28.02
CA SER A 53 16.23 -8.88 28.89
C SER A 53 17.62 -8.97 28.26
N ASP A 54 18.65 -8.79 29.09
CA ASP A 54 19.99 -8.80 28.54
C ASP A 54 20.71 -10.13 28.57
N LYS A 55 20.26 -11.05 29.45
CA LYS A 55 20.91 -12.34 29.60
C LYS A 55 19.91 -13.47 29.80
N LYS A 56 20.28 -14.68 29.40
CA LYS A 56 19.43 -15.84 29.58
C LYS A 56 20.17 -17.14 29.82
N GLU A 57 19.81 -17.86 30.89
CA GLU A 57 20.53 -19.08 31.19
C GLU A 57 19.76 -20.36 31.43
N ASP A 58 20.42 -21.45 31.09
CA ASP A 58 20.02 -22.82 31.25
C ASP A 58 21.32 -23.63 31.41
N GLY A 59 21.72 -23.82 32.65
CA GLY A 59 22.95 -24.58 32.87
C GLY A 59 24.02 -24.12 31.88
N ARG A 60 24.44 -25.05 31.01
CA ARG A 60 25.47 -24.85 30.04
C ARG A 60 25.16 -23.88 28.91
N PHE A 61 23.87 -23.67 28.62
CA PHE A 61 23.50 -22.75 27.55
C PHE A 61 23.18 -21.35 27.99
N THR A 62 23.74 -20.38 27.23
CA THR A 62 23.51 -18.99 27.58
C THR A 62 23.58 -18.00 26.44
N ILE A 63 22.53 -17.20 26.37
CA ILE A 63 22.32 -16.10 25.47
C ILE A 63 22.63 -14.78 26.21
N PHE A 64 23.25 -13.87 25.50
CA PHE A 64 23.52 -12.52 26.05
C PHE A 64 22.87 -11.61 24.99
N PHE A 65 21.99 -10.69 25.33
CA PHE A 65 21.25 -9.93 24.33
C PHE A 65 21.46 -8.43 24.24
N ASN A 66 21.55 -7.88 23.01
CA ASN A 66 21.73 -6.44 22.83
C ASN A 66 20.67 -5.64 22.12
N LYS A 67 19.42 -5.64 22.53
CA LYS A 67 18.33 -4.85 21.97
C LYS A 67 18.80 -3.59 21.25
N ARG A 68 19.29 -2.63 22.04
CA ARG A 68 19.76 -1.37 21.50
C ARG A 68 20.59 -1.62 20.24
N GLU A 69 21.63 -2.40 20.36
CA GLU A 69 22.52 -2.73 19.26
C GLU A 69 22.03 -3.78 18.30
N LYS A 70 20.88 -4.39 18.51
CA LYS A 70 20.25 -5.40 17.70
C LYS A 70 21.14 -6.62 17.52
N LYS A 71 21.83 -6.95 18.60
CA LYS A 71 22.79 -8.03 18.68
C LYS A 71 22.45 -9.11 19.69
N LEU A 72 22.85 -10.34 19.34
CA LEU A 72 22.67 -11.49 20.22
C LEU A 72 23.72 -12.57 19.98
N SER A 73 24.04 -13.34 21.02
CA SER A 73 25.02 -14.40 20.95
C SER A 73 24.69 -15.63 21.78
N LEU A 74 25.18 -16.79 21.30
CA LEU A 74 25.01 -18.03 22.00
C LEU A 74 26.35 -18.65 22.42
N HIS A 75 26.53 -18.76 23.74
CA HIS A 75 27.66 -19.40 24.37
C HIS A 75 27.24 -20.77 24.95
N ILE A 76 27.96 -21.79 24.51
CA ILE A 76 27.80 -23.17 24.94
C ILE A 76 29.00 -23.45 25.86
N THR A 77 28.82 -22.94 27.07
CA THR A 77 29.68 -22.94 28.19
C THR A 77 30.56 -24.14 28.40
N ASP A 78 30.04 -25.35 28.21
CA ASP A 78 30.98 -26.49 28.39
C ASP A 78 30.70 -27.38 27.19
N SER A 79 31.65 -27.75 26.37
CA SER A 79 31.26 -28.56 25.22
C SER A 79 31.45 -30.04 25.39
N GLN A 80 30.47 -30.84 25.01
CA GLN A 80 30.64 -32.29 25.07
C GLN A 80 30.24 -32.77 23.68
N PRO A 81 30.71 -33.92 23.27
CA PRO A 81 30.39 -34.55 22.02
C PRO A 81 28.90 -34.56 21.72
N GLY A 82 28.01 -34.55 22.71
CA GLY A 82 26.58 -34.50 22.55
C GLY A 82 26.04 -33.21 21.91
N ASP A 83 26.79 -32.13 22.01
CA ASP A 83 26.47 -30.82 21.49
C ASP A 83 26.68 -30.64 20.00
N SER A 84 27.33 -31.61 19.34
CA SER A 84 27.53 -31.51 17.90
C SER A 84 26.14 -31.56 17.25
N ALA A 85 25.87 -30.58 16.43
CA ALA A 85 24.63 -30.41 15.68
C ALA A 85 24.59 -29.02 15.04
N THR A 86 23.47 -28.61 14.46
CA THR A 86 23.31 -27.29 13.89
C THR A 86 22.38 -26.43 14.74
N TYR A 87 22.92 -25.24 15.05
CA TYR A 87 22.24 -24.26 15.85
C TYR A 87 21.75 -23.05 15.08
N PHE A 88 20.43 -22.99 14.89
CA PHE A 88 19.88 -21.86 14.15
C PHE A 88 19.52 -20.73 15.11
N CYS A 89 19.86 -19.55 14.62
CA CYS A 89 19.53 -18.32 15.31
C CYS A 89 18.10 -17.99 14.87
N ALA A 90 17.28 -17.38 15.67
CA ALA A 90 15.93 -17.10 15.18
C ALA A 90 15.29 -15.93 15.88
N ALA A 91 14.29 -15.34 15.23
CA ALA A 91 13.57 -14.17 15.66
C ALA A 91 12.12 -14.12 15.14
N ARG A 92 11.28 -13.46 15.93
CA ARG A 92 9.86 -13.30 15.63
C ARG A 92 9.32 -11.89 15.85
N TYR A 93 8.61 -11.37 14.83
CA TYR A 93 7.97 -10.07 14.91
C TYR A 93 6.85 -10.13 15.95
N GLN A 94 6.70 -9.17 16.86
CA GLN A 94 5.62 -9.24 17.83
C GLN A 94 4.26 -9.29 17.11
N GLY A 95 3.45 -10.25 17.49
CA GLY A 95 2.14 -10.61 17.03
C GLY A 95 2.20 -11.73 15.99
N GLY A 96 3.42 -12.11 15.61
CA GLY A 96 3.77 -13.06 14.64
C GLY A 96 3.43 -14.51 14.76
N ARG A 97 3.28 -15.16 13.62
CA ARG A 97 2.96 -16.54 13.42
C ARG A 97 4.18 -17.36 12.99
N ALA A 98 5.33 -16.73 12.78
CA ALA A 98 6.48 -17.45 12.30
C ALA A 98 7.81 -17.15 12.98
N LEU A 99 8.80 -17.96 12.54
CA LEU A 99 10.18 -17.84 12.94
C LEU A 99 10.99 -17.59 11.64
N ILE A 100 11.72 -16.50 11.67
CA ILE A 100 12.57 -16.13 10.51
C ILE A 100 13.94 -16.66 10.92
N PHE A 101 14.50 -17.67 10.27
CA PHE A 101 15.70 -18.35 10.67
C PHE A 101 17.05 -17.96 10.11
N GLY A 102 18.08 -17.85 10.96
CA GLY A 102 19.43 -17.56 10.48
C GLY A 102 19.92 -18.68 9.56
N THR A 103 21.18 -18.68 9.14
CA THR A 103 21.66 -19.71 8.22
C THR A 103 22.23 -20.93 8.96
N GLY A 104 22.34 -20.75 10.27
CA GLY A 104 22.83 -21.73 11.20
C GLY A 104 24.32 -21.93 11.11
N THR A 105 24.94 -22.24 12.23
CA THR A 105 26.38 -22.55 12.38
C THR A 105 26.52 -24.07 12.63
N THR A 106 27.48 -24.74 12.04
CA THR A 106 27.67 -26.15 12.36
C THR A 106 28.80 -26.32 13.38
N VAL A 107 28.37 -26.56 14.63
CA VAL A 107 29.25 -26.73 15.77
C VAL A 107 29.67 -28.21 15.83
N SER A 108 30.96 -28.42 16.06
CA SER A 108 31.51 -29.76 16.17
C SER A 108 32.24 -29.84 17.51
N VAL A 109 31.94 -30.86 18.31
CA VAL A 109 32.55 -30.96 19.61
C VAL A 109 33.44 -32.17 19.81
N SER A 110 34.67 -31.88 20.23
CA SER A 110 35.76 -32.76 20.53
C SER A 110 36.73 -33.12 19.44
N PRO A 111 36.84 -32.39 18.35
CA PRO A 111 37.65 -32.72 17.24
C PRO A 111 39.14 -32.67 17.16
N GLY A 112 39.62 -33.50 16.30
CA GLY A 112 40.51 -34.16 15.48
C GLY A 112 39.60 -34.69 14.31
N SER A 113 38.38 -34.25 14.41
CA SER A 113 37.16 -34.36 13.73
C SER A 113 36.62 -35.69 13.28
N ALA A 114 35.53 -35.59 12.52
CA ALA A 114 34.80 -36.72 11.97
C ALA A 114 33.98 -37.41 13.07
N ASP A 115 32.98 -36.68 13.61
CA ASP A 115 32.15 -37.19 14.69
C ASP A 115 30.72 -37.50 14.25
N VAL B 1 5.69 -39.51 16.38
CA VAL B 1 4.46 -39.39 17.23
C VAL B 1 4.77 -38.77 18.58
N THR B 2 3.97 -37.84 19.01
CA THR B 2 4.00 -37.13 20.25
C THR B 2 3.00 -35.97 20.08
N LEU B 3 3.48 -34.81 19.68
CA LEU B 3 2.58 -33.67 19.46
C LEU B 3 2.07 -33.71 18.02
N LEU B 4 2.91 -34.15 17.10
CA LEU B 4 2.54 -34.22 15.71
C LEU B 4 2.80 -35.58 15.05
N GLU B 5 1.87 -35.90 14.15
CA GLU B 5 1.94 -37.16 13.38
C GLU B 5 2.23 -36.80 11.93
N GLN B 6 3.50 -36.90 11.51
CA GLN B 6 3.89 -36.53 10.17
C GLN B 6 4.11 -37.65 9.19
N ASN B 7 3.26 -37.71 8.17
CA ASN B 7 3.39 -38.72 7.12
C ASN B 7 3.45 -38.14 5.74
N PRO B 8 4.22 -38.63 4.81
CA PRO B 8 5.16 -39.70 4.79
C PRO B 8 6.54 -39.27 5.24
N ARG B 9 7.56 -40.09 4.99
CA ARG B 9 8.90 -39.75 5.45
C ARG B 9 9.91 -39.40 4.40
N TRP B 10 10.31 -40.33 3.53
CA TRP B 10 11.29 -40.04 2.48
C TRP B 10 10.66 -40.27 1.12
N ARG B 11 9.48 -39.69 0.85
CA ARG B 11 8.92 -39.88 -0.51
C ARG B 11 9.97 -39.35 -1.52
N LEU B 12 9.73 -39.72 -2.76
CA LEU B 12 10.57 -39.32 -3.89
C LEU B 12 9.66 -38.99 -5.08
N VAL B 13 9.64 -37.70 -5.42
CA VAL B 13 8.81 -37.20 -6.52
C VAL B 13 9.51 -37.39 -7.86
N PRO B 14 8.73 -37.84 -8.83
CA PRO B 14 9.19 -38.11 -10.18
C PRO B 14 9.70 -36.88 -10.88
N ARG B 15 8.83 -35.91 -11.12
CA ARG B 15 9.18 -34.65 -11.75
C ARG B 15 7.92 -33.86 -12.13
N GLY B 16 7.07 -34.51 -12.92
CA GLY B 16 5.82 -33.87 -13.35
C GLY B 16 4.70 -34.30 -12.40
N GLN B 17 5.08 -34.96 -11.30
CA GLN B 17 4.13 -35.41 -10.31
C GLN B 17 4.19 -34.66 -9.00
N ALA B 18 3.02 -34.65 -8.35
CA ALA B 18 2.69 -33.99 -7.13
C ALA B 18 2.63 -34.81 -5.86
N VAL B 19 3.75 -34.85 -5.13
CA VAL B 19 3.75 -35.60 -3.86
C VAL B 19 2.79 -34.85 -2.93
N ASN B 20 2.28 -35.54 -1.93
CA ASN B 20 1.40 -34.73 -1.02
C ASN B 20 1.64 -35.22 0.39
N LEU B 21 1.69 -34.27 1.32
CA LEU B 21 1.92 -34.52 2.72
C LEU B 21 0.64 -34.34 3.54
N ARG B 22 0.77 -34.64 4.83
CA ARG B 22 -0.31 -34.51 5.79
C ARG B 22 0.24 -34.63 7.20
N CYS B 23 -0.17 -33.78 8.12
CA CYS B 23 0.38 -33.86 9.50
C CYS B 23 -0.74 -33.91 10.51
N ILE B 24 -0.64 -34.79 11.53
CA ILE B 24 -1.73 -34.86 12.50
C ILE B 24 -1.34 -34.35 13.88
N LEU B 25 -2.15 -33.44 14.38
CA LEU B 25 -1.93 -32.82 15.68
C LEU B 25 -2.46 -33.66 16.81
N LYS B 26 -1.58 -34.25 17.61
CA LYS B 26 -2.01 -35.04 18.77
C LYS B 26 -2.48 -34.19 19.93
N ASN B 27 -1.80 -33.11 20.32
CA ASN B 27 -2.31 -32.28 21.41
C ASN B 27 -3.21 -31.15 20.91
N SER B 28 -4.41 -31.01 21.44
CA SER B 28 -5.37 -30.01 21.07
C SER B 28 -5.09 -28.59 21.51
N GLN B 29 -3.99 -28.38 22.24
CA GLN B 29 -3.67 -27.08 22.79
C GLN B 29 -2.63 -26.30 22.05
N TYR B 30 -2.37 -26.66 20.81
CA TYR B 30 -1.52 -26.05 19.83
C TYR B 30 -2.20 -26.16 18.45
N PRO B 31 -3.30 -25.47 18.25
CA PRO B 31 -4.14 -25.44 17.07
C PRO B 31 -3.63 -24.60 15.91
N TRP B 32 -2.59 -23.85 16.19
CA TRP B 32 -1.84 -23.02 15.29
C TRP B 32 -0.77 -23.90 14.63
N MET B 33 -1.05 -24.38 13.41
CA MET B 33 -0.11 -25.22 12.70
C MET B 33 0.47 -24.64 11.42
N SER B 34 1.79 -24.67 11.25
CA SER B 34 2.47 -24.18 10.08
C SER B 34 3.20 -25.23 9.26
N TRP B 35 3.66 -24.80 8.08
CA TRP B 35 4.46 -25.65 7.21
C TRP B 35 5.76 -24.92 6.93
N TYR B 36 6.89 -25.61 7.06
CA TYR B 36 8.22 -25.06 6.86
C TYR B 36 8.96 -25.94 5.85
N GLN B 37 10.00 -25.36 5.26
CA GLN B 37 10.84 -26.07 4.33
C GLN B 37 12.29 -25.86 4.77
N GLN B 38 13.06 -26.92 4.54
CA GLN B 38 14.47 -26.94 4.88
C GLN B 38 15.20 -27.45 3.64
N ASP B 39 15.80 -26.48 2.96
CA ASP B 39 16.48 -26.68 1.70
C ASP B 39 17.79 -27.42 1.81
N LEU B 40 18.28 -27.87 0.65
CA LEU B 40 19.52 -28.61 0.59
C LEU B 40 20.71 -28.00 1.26
N GLN B 41 20.78 -26.69 1.40
CA GLN B 41 21.92 -26.08 2.12
C GLN B 41 21.41 -25.61 3.49
N LYS B 42 20.47 -26.40 4.00
CA LYS B 42 19.74 -26.41 5.19
C LYS B 42 19.17 -25.11 5.69
N GLN B 43 18.84 -24.22 4.75
CA GLN B 43 18.25 -22.94 5.24
C GLN B 43 16.83 -23.29 5.64
N LEU B 44 16.31 -22.80 6.74
CA LEU B 44 14.93 -23.17 7.18
C LEU B 44 13.96 -22.08 6.77
N GLN B 45 12.82 -22.45 6.17
CA GLN B 45 11.94 -21.38 5.66
C GLN B 45 10.50 -21.52 6.05
N TRP B 46 9.88 -20.50 6.61
CA TRP B 46 8.45 -20.63 6.98
C TRP B 46 7.66 -20.63 5.69
N LEU B 47 6.62 -21.45 5.58
CA LEU B 47 5.85 -21.37 4.31
C LEU B 47 4.53 -20.69 4.55
N PHE B 48 3.76 -21.28 5.47
CA PHE B 48 2.47 -20.80 5.86
C PHE B 48 1.98 -21.32 7.21
N THR B 49 0.98 -20.64 7.75
CA THR B 49 0.28 -20.94 8.95
C THR B 49 -1.24 -20.90 8.70
N LEU B 50 -1.81 -22.08 8.57
CA LEU B 50 -3.25 -22.24 8.39
C LEU B 50 -3.89 -22.62 9.73
N ARG B 51 -4.57 -21.66 10.38
CA ARG B 51 -5.17 -21.86 11.68
C ARG B 51 -6.51 -22.58 11.75
N SER B 52 -7.48 -22.14 10.99
CA SER B 52 -8.81 -22.69 10.99
C SER B 52 -9.05 -23.71 9.91
N PRO B 53 -9.97 -24.62 10.16
CA PRO B 53 -10.35 -25.68 9.26
C PRO B 53 -11.01 -25.09 8.00
N GLY B 54 -10.51 -25.61 6.87
CA GLY B 54 -10.95 -25.18 5.54
C GLY B 54 -10.09 -23.99 5.12
N ASP B 55 -8.99 -23.81 5.86
CA ASP B 55 -8.07 -22.74 5.59
C ASP B 55 -6.97 -23.31 4.68
N LYS B 56 -7.05 -22.95 3.41
CA LYS B 56 -6.09 -23.32 2.40
C LYS B 56 -5.22 -22.09 2.08
N GLU B 57 -3.99 -22.32 1.66
CA GLU B 57 -3.13 -21.19 1.31
C GLU B 57 -2.26 -21.66 0.15
N VAL B 58 -1.74 -20.71 -0.63
CA VAL B 58 -0.85 -21.17 -1.70
C VAL B 58 0.40 -20.34 -1.76
N LYS B 59 1.42 -20.90 -2.39
CA LYS B 59 2.70 -20.17 -2.45
C LYS B 59 3.53 -20.82 -3.54
N SER B 60 4.53 -20.11 -3.99
CA SER B 60 5.36 -20.68 -5.05
C SER B 60 6.79 -20.20 -4.95
N LEU B 61 7.65 -21.21 -4.77
CA LEU B 61 9.08 -20.92 -4.66
C LEU B 61 9.82 -21.66 -5.77
N PRO B 62 11.02 -21.15 -5.99
CA PRO B 62 11.93 -21.78 -6.95
C PRO B 62 12.20 -23.18 -6.38
N GLY B 63 11.97 -24.18 -7.23
CA GLY B 63 12.21 -25.54 -6.80
C GLY B 63 11.03 -26.24 -6.21
N ALA B 64 9.88 -25.61 -6.08
CA ALA B 64 8.71 -26.29 -5.54
C ALA B 64 7.49 -25.38 -5.53
N ASP B 65 6.32 -25.98 -5.77
CA ASP B 65 5.08 -25.20 -5.77
C ASP B 65 4.22 -25.81 -4.68
N TYR B 66 3.75 -25.02 -3.72
CA TYR B 66 2.98 -25.62 -2.64
C TYR B 66 1.52 -25.19 -2.66
N LEU B 67 0.70 -26.09 -2.19
CA LEU B 67 -0.73 -25.87 -2.01
C LEU B 67 -1.02 -26.36 -0.58
N ALA B 68 -1.59 -25.56 0.32
CA ALA B 68 -1.84 -26.09 1.66
C ALA B 68 -3.31 -25.93 2.02
N THR B 69 -3.78 -26.79 2.89
CA THR B 69 -5.13 -26.79 3.38
C THR B 69 -5.08 -27.33 4.83
N ARG B 70 -5.92 -26.76 5.64
CA ARG B 70 -6.09 -27.16 7.02
C ARG B 70 -7.54 -27.68 6.99
N VAL B 71 -7.65 -28.92 6.61
CA VAL B 71 -8.90 -29.63 6.49
C VAL B 71 -9.83 -29.52 7.70
N THR B 72 -9.41 -30.03 8.85
CA THR B 72 -10.27 -29.99 10.05
C THR B 72 -9.40 -29.35 11.15
N ASP B 73 -9.77 -29.62 12.38
CA ASP B 73 -9.07 -29.16 13.55
C ASP B 73 -7.80 -29.91 13.89
N THR B 74 -7.49 -31.04 13.28
CA THR B 74 -6.27 -31.76 13.59
C THR B 74 -5.59 -32.19 12.29
N GLU B 75 -6.34 -31.98 11.23
CA GLU B 75 -5.95 -32.32 9.87
C GLU B 75 -5.31 -31.13 9.16
N LEU B 76 -4.15 -31.37 8.58
CA LEU B 76 -3.41 -30.36 7.84
C LEU B 76 -2.53 -31.08 6.81
N ARG B 77 -2.88 -30.89 5.54
CA ARG B 77 -2.10 -31.54 4.49
C ARG B 77 -1.32 -30.49 3.68
N LEU B 78 -0.56 -30.98 2.73
CA LEU B 78 0.22 -30.13 1.86
C LEU B 78 0.57 -30.90 0.60
N GLN B 79 0.38 -30.26 -0.54
CA GLN B 79 0.76 -30.95 -1.79
C GLN B 79 1.90 -30.21 -2.45
N VAL B 80 3.10 -30.83 -2.46
CA VAL B 80 4.22 -30.15 -3.14
C VAL B 80 4.17 -30.61 -4.59
N ALA B 81 4.58 -29.79 -5.53
CA ALA B 81 4.55 -30.13 -6.95
C ALA B 81 5.50 -29.20 -7.70
N ASN B 82 6.16 -29.67 -8.74
CA ASN B 82 7.08 -28.82 -9.49
C ASN B 82 8.47 -28.91 -8.88
N MET B 83 8.71 -29.91 -8.05
CA MET B 83 10.00 -30.01 -7.38
C MET B 83 11.16 -30.56 -8.17
N SER B 84 12.14 -29.68 -8.46
CA SER B 84 13.35 -30.06 -9.19
C SER B 84 14.52 -29.74 -8.24
N GLN B 85 14.14 -29.65 -6.98
CA GLN B 85 15.09 -29.34 -5.90
C GLN B 85 14.60 -30.06 -4.64
N GLY B 86 15.12 -31.25 -4.40
CA GLY B 86 14.73 -32.06 -3.26
C GLY B 86 14.83 -31.29 -1.95
N ARG B 87 13.86 -31.55 -1.06
CA ARG B 87 13.84 -30.84 0.22
C ARG B 87 13.08 -31.57 1.32
N THR B 88 13.53 -31.31 2.56
CA THR B 88 12.80 -31.90 3.71
C THR B 88 11.84 -30.82 4.17
N LEU B 89 10.56 -31.16 4.34
CA LEU B 89 9.49 -30.26 4.72
C LEU B 89 8.88 -30.54 6.09
N TYR B 90 8.89 -29.56 6.98
CA TYR B 90 8.41 -29.69 8.32
C TYR B 90 7.07 -29.25 8.80
N CYS B 91 6.32 -30.14 9.43
CA CYS B 91 5.05 -29.66 10.03
C CYS B 91 5.47 -29.06 11.37
N THR B 92 4.76 -28.07 11.85
CA THR B 92 5.07 -27.44 13.11
C THR B 92 3.74 -27.10 13.80
N CYS B 93 3.84 -26.85 15.11
CA CYS B 93 2.62 -26.49 15.83
C CYS B 93 2.93 -25.69 17.08
N SER B 94 2.10 -24.67 17.32
CA SER B 94 2.32 -23.81 18.46
C SER B 94 1.02 -23.36 19.11
N ALA B 95 1.17 -22.79 20.32
CA ALA B 95 -0.03 -22.27 20.99
C ALA B 95 -0.40 -20.98 20.26
N ALA B 96 -1.54 -20.37 20.54
CA ALA B 96 -1.94 -19.14 19.89
C ALA B 96 -0.99 -17.99 20.23
N PRO B 97 -0.63 -17.19 19.23
CA PRO B 97 0.18 -16.00 19.33
C PRO B 97 -0.35 -15.03 20.40
N ASP B 98 0.61 -14.58 21.19
CA ASP B 98 0.48 -13.68 22.31
C ASP B 98 0.01 -12.29 21.98
N TRP B 99 0.55 -11.68 20.91
CA TRP B 99 0.16 -10.31 20.56
C TRP B 99 0.85 -9.27 21.44
N GLY B 100 1.62 -9.72 22.40
CA GLY B 100 2.43 -9.04 23.40
C GLY B 100 3.64 -9.96 23.62
N ALA B 101 4.36 -10.06 24.71
CA ALA B 101 5.49 -10.91 25.00
C ALA B 101 6.01 -11.84 23.92
N SER B 102 5.14 -12.55 23.25
CA SER B 102 5.20 -13.42 22.13
C SER B 102 6.29 -14.46 22.32
N ALA B 103 6.06 -15.31 23.32
CA ALA B 103 7.06 -16.32 23.60
C ALA B 103 6.43 -17.68 23.77
N GLU B 104 5.72 -18.12 22.76
CA GLU B 104 5.08 -19.43 22.74
C GLU B 104 6.08 -20.33 22.00
N THR B 105 6.06 -21.62 22.27
CA THR B 105 7.05 -22.49 21.66
C THR B 105 6.61 -23.06 20.32
N LEU B 106 7.56 -23.05 19.39
CA LEU B 106 7.29 -23.62 18.07
C LEU B 106 7.91 -25.03 18.08
N TYR B 107 7.01 -26.00 17.97
CA TYR B 107 7.42 -27.40 17.99
C TYR B 107 7.42 -27.93 16.56
N PHE B 108 8.51 -28.55 16.12
CA PHE B 108 8.61 -29.11 14.79
C PHE B 108 8.31 -30.61 14.74
N GLY B 109 7.49 -31.01 13.77
CA GLY B 109 7.20 -32.45 13.63
C GLY B 109 8.48 -33.12 13.16
N SER B 110 8.43 -34.37 12.71
CA SER B 110 9.66 -35.01 12.23
C SER B 110 10.02 -34.74 10.78
N GLY B 111 9.25 -33.99 9.99
CA GLY B 111 9.58 -33.68 8.63
C GLY B 111 9.53 -34.76 7.59
N THR B 112 9.31 -34.34 6.33
CA THR B 112 9.23 -35.25 5.20
C THR B 112 10.31 -34.92 4.16
N ARG B 113 11.31 -35.79 4.14
CA ARG B 113 12.40 -35.64 3.17
C ARG B 113 11.84 -35.99 1.78
N LEU B 114 11.99 -35.05 0.86
CA LEU B 114 11.50 -35.24 -0.50
C LEU B 114 12.67 -35.14 -1.47
N THR B 115 13.31 -36.27 -1.76
CA THR B 115 14.46 -36.24 -2.61
C THR B 115 14.21 -36.38 -4.09
N VAL B 116 15.24 -36.28 -4.81
CA VAL B 116 16.21 -36.20 -5.78
C VAL B 116 17.20 -37.39 -5.79
N LEU B 117 17.98 -37.51 -4.72
CA LEU B 117 19.02 -38.43 -4.42
C LEU B 117 18.67 -39.92 -4.51
N ASP C 1 -12.16 -16.22 1.80
CA ASP C 1 -12.07 -14.75 1.54
C ASP C 1 -12.83 -13.94 2.57
N ILE C 2 -12.12 -13.08 3.30
CA ILE C 2 -12.78 -12.27 4.34
C ILE C 2 -13.34 -10.97 3.81
N GLN C 3 -14.49 -10.59 4.33
CA GLN C 3 -15.25 -9.40 4.04
C GLN C 3 -15.12 -8.32 5.10
N MET C 4 -14.26 -7.33 4.89
CA MET C 4 -14.15 -6.23 5.87
C MET C 4 -15.25 -5.22 5.54
N THR C 5 -15.99 -4.74 6.50
CA THR C 5 -17.12 -3.81 6.33
C THR C 5 -16.97 -2.64 7.30
N GLN C 6 -16.98 -1.41 6.79
CA GLN C 6 -16.78 -0.25 7.62
C GLN C 6 -18.01 0.60 7.86
N SER C 7 -17.91 1.40 8.92
CA SER C 7 -19.00 2.26 9.37
C SER C 7 -18.55 3.47 10.13
N PRO C 8 -19.14 4.62 9.98
CA PRO C 8 -20.18 4.97 9.03
C PRO C 8 -19.47 5.03 7.68
N ALA C 9 -20.13 5.40 6.60
CA ALA C 9 -19.39 5.42 5.32
C ALA C 9 -18.74 6.76 5.13
N SER C 10 -19.16 7.72 5.93
CA SER C 10 -18.61 9.07 5.90
C SER C 10 -18.88 9.73 7.24
N LEU C 11 -18.27 10.86 7.51
CA LEU C 11 -18.50 11.54 8.80
C LEU C 11 -17.67 12.81 8.84
N SER C 12 -18.19 13.82 9.51
CA SER C 12 -17.48 15.08 9.60
C SER C 12 -17.39 15.54 11.04
N ALA C 13 -16.42 16.35 11.44
CA ALA C 13 -16.43 16.78 12.85
C ALA C 13 -15.47 17.92 12.98
N SER C 14 -15.70 18.85 13.92
CA SER C 14 -14.76 19.97 13.98
C SER C 14 -13.38 19.50 14.34
N VAL C 15 -12.41 20.40 14.22
CA VAL C 15 -11.02 20.07 14.60
C VAL C 15 -11.00 20.23 16.13
N GLY C 16 -10.25 19.39 16.81
CA GLY C 16 -10.25 19.43 18.27
C GLY C 16 -11.12 18.22 18.69
N GLU C 17 -12.30 18.03 18.11
CA GLU C 17 -13.15 16.92 18.47
C GLU C 17 -12.51 15.55 18.23
N THR C 18 -13.13 14.54 18.82
CA THR C 18 -12.70 13.14 18.77
C THR C 18 -13.69 12.32 17.94
N VAL C 19 -13.28 11.25 17.26
CA VAL C 19 -14.21 10.43 16.55
C VAL C 19 -13.72 8.98 16.45
N THR C 20 -14.67 8.08 16.47
CA THR C 20 -14.42 6.66 16.37
C THR C 20 -15.09 6.12 15.09
N ILE C 21 -14.30 5.36 14.34
CA ILE C 21 -14.83 4.71 13.12
C ILE C 21 -14.68 3.22 13.40
N THR C 22 -15.53 2.37 12.90
CA THR C 22 -15.48 0.93 13.13
C THR C 22 -15.30 0.12 11.85
N CYS C 23 -14.87 -1.14 11.98
CA CYS C 23 -14.61 -2.07 10.92
C CYS C 23 -15.09 -3.48 11.27
N ARG C 24 -15.59 -4.25 10.30
CA ARG C 24 -16.08 -5.58 10.57
C ARG C 24 -15.51 -6.70 9.71
N ALA C 25 -14.84 -7.67 10.35
CA ALA C 25 -14.34 -8.80 9.52
C ALA C 25 -15.50 -9.79 9.45
N SER C 26 -15.60 -10.51 8.35
CA SER C 26 -16.71 -11.46 8.23
C SER C 26 -16.31 -12.81 8.81
N LYS C 27 -15.11 -12.90 9.37
CA LYS C 27 -14.58 -14.10 9.98
C LYS C 27 -13.65 -13.68 11.12
N ASN C 28 -13.43 -14.61 12.05
CA ASN C 28 -12.55 -14.18 13.13
C ASN C 28 -11.12 -14.17 12.60
N ILE C 29 -10.65 -12.95 12.55
CA ILE C 29 -9.25 -12.62 12.18
C ILE C 29 -8.64 -12.35 13.53
N TYR C 30 -7.39 -12.15 13.91
CA TYR C 30 -7.36 -12.10 15.42
C TYR C 30 -7.28 -10.66 15.82
N SER C 31 -6.05 -10.21 15.86
CA SER C 31 -5.64 -8.84 16.05
C SER C 31 -4.89 -8.46 14.74
N TYR C 32 -5.16 -9.20 13.66
CA TYR C 32 -4.52 -9.05 12.38
C TYR C 32 -5.33 -8.05 11.55
N LEU C 33 -5.31 -6.81 12.00
CA LEU C 33 -6.02 -5.69 11.44
C LEU C 33 -5.18 -4.40 11.45
N ALA C 34 -5.10 -3.83 10.24
CA ALA C 34 -4.40 -2.61 9.88
C ALA C 34 -5.35 -1.48 9.49
N TRP C 35 -4.90 -0.25 9.62
CA TRP C 35 -5.70 0.92 9.36
C TRP C 35 -4.78 1.95 8.68
N TYR C 36 -5.32 2.48 7.58
CA TYR C 36 -4.72 3.45 6.69
C TYR C 36 -5.62 4.68 6.43
N GLN C 37 -4.87 5.73 6.13
CA GLN C 37 -5.41 7.01 5.78
C GLN C 37 -4.94 7.36 4.36
N GLN C 38 -5.95 7.79 3.58
CA GLN C 38 -5.70 8.22 2.24
C GLN C 38 -6.29 9.61 1.95
N LYS C 39 -5.44 10.46 1.46
CA LYS C 39 -5.86 11.78 0.99
C LYS C 39 -5.91 11.64 -0.55
N GLN C 40 -7.08 11.90 -1.12
CA GLN C 40 -7.31 11.76 -2.55
C GLN C 40 -6.25 12.47 -3.38
N GLY C 41 -5.70 11.63 -4.26
CA GLY C 41 -4.61 12.01 -5.14
C GLY C 41 -3.32 11.40 -4.58
N LYS C 42 -3.44 10.86 -3.36
CA LYS C 42 -2.28 10.27 -2.71
C LYS C 42 -2.46 8.79 -2.40
N SER C 43 -1.37 8.12 -2.00
CA SER C 43 -1.35 6.72 -1.63
C SER C 43 -1.78 6.53 -0.16
N PRO C 44 -2.21 5.34 0.17
CA PRO C 44 -2.60 4.99 1.53
C PRO C 44 -1.35 5.07 2.42
N GLN C 45 -1.52 5.55 3.63
CA GLN C 45 -0.45 5.70 4.60
C GLN C 45 -0.87 4.87 5.83
N LEU C 46 0.07 4.22 6.47
CA LEU C 46 -0.17 3.35 7.62
C LEU C 46 -0.35 4.05 8.96
N LEU C 47 -1.33 3.57 9.75
CA LEU C 47 -1.49 4.20 11.05
C LEU C 47 -1.38 3.13 12.14
N VAL C 48 -2.06 2.03 11.87
CA VAL C 48 -2.12 0.90 12.79
C VAL C 48 -1.96 -0.47 12.12
N TYR C 49 -1.44 -1.44 12.88
CA TYR C 49 -1.27 -2.82 12.47
C TYR C 49 -1.42 -3.64 13.77
N ASN C 50 -1.72 -4.91 13.64
CA ASN C 50 -1.93 -5.71 14.86
C ASN C 50 -3.03 -4.96 15.61
N ALA C 51 -4.21 -4.72 15.07
CA ALA C 51 -5.34 -4.01 15.59
C ALA C 51 -5.11 -2.78 16.44
N LYS C 52 -4.15 -2.75 17.32
CA LYS C 52 -3.84 -1.69 18.18
C LYS C 52 -2.44 -1.10 18.04
N THR C 53 -1.48 -1.77 17.46
CA THR C 53 -0.13 -1.23 17.40
C THR C 53 0.03 -0.06 16.45
N LEU C 54 0.57 1.03 16.96
CA LEU C 54 0.75 2.30 16.28
C LEU C 54 1.89 2.27 15.26
N GLY C 55 1.63 2.72 14.03
CA GLY C 55 2.67 2.71 13.02
C GLY C 55 3.79 3.66 13.34
N GLU C 56 5.00 3.26 13.04
CA GLU C 56 6.20 4.05 13.21
C GLU C 56 5.93 5.49 12.79
N GLY C 57 6.09 6.49 13.63
CA GLY C 57 5.86 7.87 13.27
C GLY C 57 4.46 8.41 13.43
N VAL C 58 3.45 7.55 13.37
CA VAL C 58 2.06 7.94 13.47
C VAL C 58 1.79 8.66 14.78
N PRO C 59 1.07 9.75 14.73
CA PRO C 59 0.70 10.52 15.90
C PRO C 59 -0.21 9.68 16.81
N SER C 60 -0.25 10.10 18.07
CA SER C 60 -0.98 9.49 19.13
C SER C 60 -2.43 9.93 19.22
N ARG C 61 -2.94 10.56 18.17
CA ARG C 61 -4.38 10.93 18.19
C ARG C 61 -5.09 9.58 17.92
N PHE C 62 -4.36 8.82 17.13
CA PHE C 62 -4.73 7.52 16.65
C PHE C 62 -4.62 6.42 17.66
N SER C 63 -5.74 5.80 18.01
CA SER C 63 -5.73 4.67 18.95
C SER C 63 -6.43 3.50 18.27
N GLY C 64 -5.84 2.32 18.34
CA GLY C 64 -6.46 1.18 17.65
C GLY C 64 -6.99 0.21 18.69
N SER C 65 -8.12 -0.41 18.41
CA SER C 65 -8.66 -1.33 19.41
C SER C 65 -9.56 -2.36 18.74
N GLY C 66 -9.92 -3.34 19.56
CA GLY C 66 -10.82 -4.37 19.05
C GLY C 66 -10.02 -5.63 18.70
N SER C 67 -10.80 -6.71 18.63
CA SER C 67 -10.30 -8.00 18.29
C SER C 67 -11.45 -8.92 17.84
N GLY C 68 -11.04 -10.00 17.20
CA GLY C 68 -11.88 -11.01 16.67
C GLY C 68 -12.56 -10.74 15.35
N THR C 69 -13.62 -9.94 15.44
CA THR C 69 -14.45 -9.63 14.27
C THR C 69 -14.94 -8.21 14.30
N GLN C 70 -14.61 -7.44 15.34
CA GLN C 70 -15.06 -6.03 15.40
C GLN C 70 -13.99 -5.18 16.05
N PHE C 71 -13.54 -4.17 15.29
CA PHE C 71 -12.44 -3.28 15.63
C PHE C 71 -12.80 -1.82 15.42
N SER C 72 -11.97 -0.87 15.87
CA SER C 72 -12.34 0.53 15.75
C SER C 72 -11.13 1.43 15.73
N LEU C 73 -11.37 2.65 15.25
CA LEU C 73 -10.31 3.63 15.16
C LEU C 73 -10.79 4.95 15.74
N LYS C 74 -9.93 5.49 16.59
CA LYS C 74 -10.23 6.72 17.30
C LYS C 74 -9.11 7.73 17.15
N ILE C 75 -9.60 8.91 16.76
CA ILE C 75 -8.73 10.05 16.57
C ILE C 75 -9.23 11.10 17.57
N ASN C 76 -8.37 11.41 18.51
CA ASN C 76 -8.70 12.48 19.48
C ASN C 76 -8.10 13.74 18.84
N SER C 77 -8.40 14.94 19.28
CA SER C 77 -7.76 16.12 18.69
C SER C 77 -7.78 16.12 17.18
N LEU C 78 -8.99 16.02 16.62
CA LEU C 78 -9.08 16.02 15.15
C LEU C 78 -8.29 17.21 14.61
N GLN C 79 -7.26 16.89 13.85
CA GLN C 79 -6.44 17.89 13.20
C GLN C 79 -6.98 18.01 11.78
N PRO C 80 -6.76 19.15 11.18
CA PRO C 80 -7.19 19.50 9.85
C PRO C 80 -6.67 18.56 8.78
N GLU C 81 -5.49 18.00 9.00
CA GLU C 81 -4.85 17.10 8.06
C GLU C 81 -5.28 15.66 8.24
N ASP C 82 -6.28 15.39 9.07
CA ASP C 82 -6.77 14.03 9.22
C ASP C 82 -7.96 13.74 8.31
N PHE C 83 -8.33 14.73 7.50
CA PHE C 83 -9.42 14.47 6.57
C PHE C 83 -8.86 13.34 5.66
N GLY C 84 -9.79 12.83 4.86
CA GLY C 84 -9.44 11.78 3.93
C GLY C 84 -10.36 10.56 4.16
N SER C 85 -9.99 9.54 3.42
CA SER C 85 -10.69 8.25 3.45
C SER C 85 -9.87 7.35 4.37
N TYR C 86 -10.59 6.64 5.23
CA TYR C 86 -9.88 5.75 6.17
C TYR C 86 -10.25 4.35 5.76
N TYR C 87 -9.32 3.41 5.90
CA TYR C 87 -9.53 2.04 5.51
C TYR C 87 -8.89 1.05 6.51
N CYS C 88 -9.56 -0.08 6.62
CA CYS C 88 -9.14 -1.19 7.46
C CYS C 88 -8.78 -2.38 6.59
N GLN C 89 -7.70 -3.09 6.85
CA GLN C 89 -7.40 -4.26 6.02
C GLN C 89 -7.08 -5.44 6.93
N HIS C 90 -7.66 -6.59 6.66
CA HIS C 90 -7.25 -7.73 7.52
C HIS C 90 -5.86 -8.17 7.07
N HIS C 91 -5.04 -8.72 7.96
CA HIS C 91 -3.73 -9.20 7.58
C HIS C 91 -3.51 -10.60 8.17
N TYR C 92 -4.61 -11.32 8.14
CA TYR C 92 -4.71 -12.69 8.61
C TYR C 92 -4.83 -13.66 7.45
N GLY C 93 -3.86 -14.41 7.03
CA GLY C 93 -4.11 -15.34 5.90
C GLY C 93 -4.41 -14.61 4.60
N THR C 94 -4.03 -15.19 3.45
CA THR C 94 -4.33 -14.48 2.18
C THR C 94 -5.74 -14.73 1.71
N PRO C 95 -6.32 -13.90 0.90
CA PRO C 95 -5.89 -12.65 0.34
C PRO C 95 -6.23 -11.55 1.34
N TYR C 96 -5.37 -10.56 1.41
CA TYR C 96 -5.63 -9.43 2.33
C TYR C 96 -6.69 -8.63 1.60
N THR C 97 -7.78 -8.32 2.25
CA THR C 97 -8.89 -7.58 1.63
C THR C 97 -9.07 -6.27 2.40
N PHE C 98 -9.48 -5.18 1.72
CA PHE C 98 -9.60 -3.91 2.42
C PHE C 98 -11.05 -3.64 2.74
N GLY C 99 -11.31 -2.80 3.73
CA GLY C 99 -12.73 -2.47 4.02
C GLY C 99 -13.03 -1.42 2.92
N GLY C 100 -14.28 -1.02 2.81
CA GLY C 100 -14.70 -0.03 1.83
C GLY C 100 -14.42 1.41 2.23
N GLY C 101 -13.66 1.70 3.29
CA GLY C 101 -13.35 3.05 3.65
C GLY C 101 -14.39 3.84 4.38
N THR C 102 -13.90 4.92 5.00
CA THR C 102 -14.73 5.87 5.73
C THR C 102 -14.19 7.28 5.43
N LYS C 103 -15.12 8.11 4.95
CA LYS C 103 -14.82 9.47 4.55
C LYS C 103 -14.96 10.44 5.71
N LEU C 104 -13.89 11.11 6.09
CA LEU C 104 -13.93 12.05 7.21
C LEU C 104 -13.82 13.47 6.71
N GLU C 105 -14.87 14.24 6.95
CA GLU C 105 -14.81 15.66 6.58
C GLU C 105 -14.56 16.41 7.89
N ILE C 106 -13.95 17.59 7.80
CA ILE C 106 -13.72 18.39 8.99
C ILE C 106 -14.61 19.63 9.04
N LYS C 107 -15.66 19.63 9.88
CA LYS C 107 -16.45 20.85 9.95
C LYS C 107 -15.50 21.97 10.39
N ARG C 108 -15.73 23.15 9.90
CA ARG C 108 -15.00 24.41 10.03
C ARG C 108 -15.97 25.59 10.01
N ALA C 109 -15.55 26.85 10.06
CA ALA C 109 -16.59 27.90 9.97
C ALA C 109 -17.00 28.02 8.51
N ASP C 110 -18.21 28.50 8.22
CA ASP C 110 -18.64 28.72 6.85
C ASP C 110 -17.73 29.77 6.17
N ALA C 111 -17.82 29.73 4.86
CA ALA C 111 -17.11 30.67 4.00
C ALA C 111 -17.86 30.82 2.67
N ALA C 112 -18.05 32.05 2.23
CA ALA C 112 -18.73 32.24 0.93
C ALA C 112 -17.61 32.03 -0.12
N PRO C 113 -17.98 31.49 -1.25
CA PRO C 113 -17.07 31.19 -2.33
C PRO C 113 -16.54 32.45 -2.99
N THR C 114 -15.32 32.41 -3.53
CA THR C 114 -14.79 33.55 -4.26
C THR C 114 -14.98 33.32 -5.76
N VAL C 115 -16.14 33.72 -6.25
CA VAL C 115 -16.57 33.59 -7.64
C VAL C 115 -15.88 34.57 -8.57
N SER C 116 -15.39 34.00 -9.68
CA SER C 116 -14.66 34.71 -10.70
C SER C 116 -14.88 34.06 -12.06
N ILE C 117 -15.38 34.88 -12.98
CA ILE C 117 -15.67 34.38 -14.33
C ILE C 117 -14.60 34.77 -15.33
N PHE C 118 -14.37 33.86 -16.27
CA PHE C 118 -13.40 33.96 -17.33
C PHE C 118 -14.11 33.55 -18.64
N PRO C 119 -13.90 34.32 -19.67
CA PRO C 119 -14.46 34.13 -21.00
C PRO C 119 -13.59 33.15 -21.79
N PRO C 120 -14.06 32.86 -22.98
CA PRO C 120 -13.40 31.95 -23.90
C PRO C 120 -12.04 32.50 -24.29
N SER C 121 -11.00 31.68 -24.37
CA SER C 121 -9.72 32.32 -24.79
C SER C 121 -9.83 32.55 -26.30
N SER C 122 -9.22 33.62 -26.78
CA SER C 122 -9.21 33.88 -28.24
C SER C 122 -8.70 32.62 -28.96
N GLU C 123 -7.64 32.01 -28.42
CA GLU C 123 -7.06 30.78 -28.92
C GLU C 123 -8.15 29.74 -29.18
N GLN C 124 -9.10 29.64 -28.26
CA GLN C 124 -10.19 28.66 -28.41
C GLN C 124 -11.24 29.19 -29.37
N LEU C 125 -11.42 30.52 -29.28
CA LEU C 125 -12.40 31.14 -30.20
C LEU C 125 -11.84 30.81 -31.59
N THR C 126 -10.66 31.31 -31.93
CA THR C 126 -10.05 30.96 -33.19
C THR C 126 -10.49 29.59 -33.72
N SER C 127 -10.32 28.56 -32.89
CA SER C 127 -10.64 27.20 -33.25
C SER C 127 -12.10 26.99 -33.61
N GLY C 128 -13.05 27.54 -32.86
CA GLY C 128 -14.43 27.29 -33.29
C GLY C 128 -15.31 26.88 -32.14
N GLY C 129 -14.82 27.13 -30.92
CA GLY C 129 -15.66 26.79 -29.75
C GLY C 129 -15.47 27.90 -28.72
N ALA C 130 -16.28 27.85 -27.68
CA ALA C 130 -16.14 28.87 -26.64
C ALA C 130 -16.69 28.35 -25.31
N SER C 131 -15.78 28.29 -24.34
CA SER C 131 -16.05 27.82 -23.01
C SER C 131 -15.89 28.93 -22.00
N VAL C 132 -16.96 29.15 -21.25
CA VAL C 132 -16.90 30.13 -20.16
C VAL C 132 -16.69 29.37 -18.83
N VAL C 133 -15.61 29.72 -18.15
CA VAL C 133 -15.21 29.10 -16.91
C VAL C 133 -15.51 29.98 -15.70
N CYS C 134 -15.88 29.31 -14.61
CA CYS C 134 -16.14 30.05 -13.37
C CYS C 134 -15.60 29.20 -12.22
N PHE C 135 -14.85 29.85 -11.37
CA PHE C 135 -14.25 29.24 -10.21
C PHE C 135 -14.93 29.88 -8.99
N LEU C 136 -15.34 29.02 -8.07
CA LEU C 136 -15.97 29.51 -6.82
C LEU C 136 -15.10 28.84 -5.74
N ASN C 137 -13.96 29.45 -5.43
CA ASN C 137 -13.04 28.79 -4.54
C ASN C 137 -13.20 29.15 -3.08
N ASN C 138 -12.54 28.33 -2.26
CA ASN C 138 -12.47 28.33 -0.85
C ASN C 138 -13.76 28.57 -0.11
N PHE C 139 -14.76 27.68 -0.16
CA PHE C 139 -15.99 27.91 0.58
C PHE C 139 -16.36 26.84 1.60
N TYR C 140 -17.16 27.22 2.61
CA TYR C 140 -17.64 26.26 3.58
C TYR C 140 -19.08 26.43 3.93
N PRO C 141 -19.98 25.52 3.90
CA PRO C 141 -20.00 24.13 3.61
C PRO C 141 -19.57 23.74 2.21
N LYS C 142 -19.78 22.49 1.82
CA LYS C 142 -19.37 21.97 0.50
C LYS C 142 -20.53 22.07 -0.49
N ASP C 143 -21.68 22.34 0.07
CA ASP C 143 -22.93 22.50 -0.66
C ASP C 143 -22.86 23.83 -1.45
N ILE C 144 -23.14 23.79 -2.73
CA ILE C 144 -23.12 24.96 -3.58
C ILE C 144 -23.84 24.72 -4.90
N ASN C 145 -24.63 25.71 -5.28
CA ASN C 145 -25.37 25.65 -6.54
C ASN C 145 -24.95 26.85 -7.39
N VAL C 146 -24.64 26.59 -8.65
CA VAL C 146 -24.24 27.62 -9.59
C VAL C 146 -25.22 27.60 -10.76
N LYS C 147 -25.79 28.71 -11.14
CA LYS C 147 -26.67 28.79 -12.31
C LYS C 147 -25.86 29.52 -13.40
N TRP C 148 -26.21 29.23 -14.64
CA TRP C 148 -25.54 29.95 -15.72
C TRP C 148 -26.65 30.73 -16.46
N LYS C 149 -26.47 32.03 -16.54
CA LYS C 149 -27.51 32.80 -17.27
C LYS C 149 -26.87 33.42 -18.50
N ILE C 150 -27.15 32.70 -19.59
CA ILE C 150 -26.65 33.09 -20.93
C ILE C 150 -27.60 34.17 -21.39
N ASP C 151 -27.11 35.41 -21.22
CA ASP C 151 -27.83 36.62 -21.49
C ASP C 151 -29.06 36.82 -20.61
N GLY C 152 -29.24 36.11 -19.52
CA GLY C 152 -30.42 36.35 -18.67
C GLY C 152 -31.22 35.06 -18.53
N SER C 153 -31.21 34.28 -19.63
CA SER C 153 -31.94 33.00 -19.55
C SER C 153 -30.97 32.01 -18.94
N GLU C 154 -31.44 31.08 -18.15
CA GLU C 154 -30.50 30.11 -17.57
C GLU C 154 -30.32 28.98 -18.59
N ARG C 155 -29.17 28.34 -18.59
CA ARG C 155 -28.95 27.22 -19.50
C ARG C 155 -28.41 25.98 -18.79
N GLN C 156 -29.10 24.85 -18.98
CA GLN C 156 -28.73 23.60 -18.34
C GLN C 156 -27.85 22.72 -19.19
N ASN C 157 -27.75 23.06 -20.47
CA ASN C 157 -26.89 22.27 -21.33
C ASN C 157 -25.58 22.94 -21.70
N GLY C 158 -24.45 22.27 -21.40
CA GLY C 158 -23.13 22.78 -21.72
C GLY C 158 -22.23 22.95 -20.50
N VAL C 159 -22.68 22.44 -19.35
CA VAL C 159 -21.98 22.58 -18.08
C VAL C 159 -21.31 21.35 -17.53
N LEU C 160 -20.02 21.53 -17.29
CA LEU C 160 -19.26 20.43 -16.69
C LEU C 160 -18.83 20.96 -15.33
N ASN C 161 -19.10 20.23 -14.26
CA ASN C 161 -18.73 20.72 -12.93
C ASN C 161 -17.71 19.82 -12.25
N SER C 162 -16.76 20.41 -11.54
CA SER C 162 -15.72 19.68 -10.85
C SER C 162 -15.38 20.39 -9.54
N TRP C 163 -15.19 19.57 -8.50
CA TRP C 163 -14.88 19.95 -7.14
C TRP C 163 -13.58 19.35 -6.62
N THR C 164 -12.75 20.21 -6.02
CA THR C 164 -11.54 19.63 -5.43
C THR C 164 -12.08 18.86 -4.21
N ASP C 165 -11.14 18.42 -3.39
CA ASP C 165 -11.42 17.75 -2.14
C ASP C 165 -11.06 18.74 -1.05
N GLN C 166 -11.61 18.58 0.13
CA GLN C 166 -11.30 19.51 1.22
C GLN C 166 -9.85 19.97 1.20
N ASP C 167 -9.59 21.27 1.28
CA ASP C 167 -8.19 21.76 1.28
C ASP C 167 -7.64 21.41 2.66
N SER C 168 -6.34 21.43 2.85
CA SER C 168 -5.76 21.05 4.16
C SER C 168 -5.30 22.29 4.93
N LYS C 169 -4.76 23.20 4.10
CA LYS C 169 -4.24 24.47 4.57
C LYS C 169 -5.38 25.31 5.15
N ASP C 170 -6.64 25.07 4.77
CA ASP C 170 -7.74 25.82 5.34
C ASP C 170 -9.00 25.07 5.68
N SER C 171 -9.25 23.88 5.16
CA SER C 171 -10.40 23.07 5.46
C SER C 171 -11.66 23.42 4.70
N THR C 172 -11.49 24.20 3.66
CA THR C 172 -12.53 24.73 2.79
C THR C 172 -12.69 23.93 1.52
N TYR C 173 -13.73 24.28 0.75
CA TYR C 173 -13.97 23.59 -0.52
C TYR C 173 -13.89 24.54 -1.72
N SER C 174 -13.65 23.96 -2.90
CA SER C 174 -13.57 24.73 -4.15
C SER C 174 -14.27 24.00 -5.29
N MET C 175 -14.57 24.72 -6.37
CA MET C 175 -15.23 24.03 -7.47
C MET C 175 -15.20 24.80 -8.77
N SER C 176 -15.27 24.08 -9.90
CA SER C 176 -15.27 24.67 -11.21
C SER C 176 -16.59 24.38 -11.95
N SER C 177 -17.03 25.33 -12.75
CA SER C 177 -18.19 25.18 -13.61
C SER C 177 -17.75 25.59 -15.04
N THR C 178 -18.16 24.79 -16.03
CA THR C 178 -17.76 25.12 -17.40
C THR C 178 -18.87 25.01 -18.42
N LEU C 179 -19.15 26.17 -19.01
CA LEU C 179 -20.16 26.29 -20.05
C LEU C 179 -19.46 26.34 -21.43
N THR C 180 -19.67 25.30 -22.22
CA THR C 180 -19.10 25.21 -23.54
C THR C 180 -20.21 25.12 -24.61
N LEU C 181 -20.13 26.07 -25.53
CA LEU C 181 -20.98 26.23 -26.69
C LEU C 181 -20.04 26.66 -27.84
N THR C 182 -20.59 26.87 -29.02
CA THR C 182 -19.79 27.32 -30.14
C THR C 182 -19.60 28.85 -30.09
N LYS C 183 -18.63 29.32 -30.88
CA LYS C 183 -18.42 30.77 -30.94
C LYS C 183 -19.50 31.48 -31.75
N ASP C 184 -20.34 30.68 -32.40
CA ASP C 184 -21.50 31.10 -33.19
C ASP C 184 -22.57 31.50 -32.15
N GLU C 185 -22.81 30.55 -31.24
CA GLU C 185 -23.79 30.86 -30.18
C GLU C 185 -23.06 31.83 -29.25
N TYR C 186 -21.76 31.58 -29.06
CA TYR C 186 -21.03 32.46 -28.18
C TYR C 186 -21.15 33.92 -28.62
N GLU C 187 -20.74 34.20 -29.85
CA GLU C 187 -20.82 35.56 -30.37
C GLU C 187 -22.23 36.05 -30.61
N ARG C 188 -23.22 35.21 -30.51
CA ARG C 188 -24.64 35.46 -30.66
C ARG C 188 -25.39 35.81 -29.40
N HIS C 189 -24.72 36.25 -28.35
CA HIS C 189 -25.29 36.69 -27.08
C HIS C 189 -24.31 37.60 -26.35
N ASN C 190 -24.76 38.48 -25.47
CA ASN C 190 -23.80 39.34 -24.81
C ASN C 190 -23.54 39.05 -23.34
N SER C 191 -24.59 38.95 -22.51
CA SER C 191 -24.37 38.72 -21.09
C SER C 191 -24.10 37.28 -20.73
N TYR C 192 -23.00 37.13 -19.97
CA TYR C 192 -22.54 35.86 -19.46
C TYR C 192 -22.36 36.03 -17.97
N THR C 193 -23.23 35.37 -17.23
CA THR C 193 -23.34 35.43 -15.79
C THR C 193 -23.23 34.05 -15.11
N CYS C 194 -22.50 34.04 -14.02
CA CYS C 194 -22.31 32.82 -13.22
C CYS C 194 -22.87 33.03 -11.82
N GLU C 195 -23.85 32.24 -11.38
CA GLU C 195 -24.45 32.46 -10.06
C GLU C 195 -24.47 31.38 -9.00
N ALA C 196 -23.64 31.56 -7.97
CA ALA C 196 -23.54 30.63 -6.89
C ALA C 196 -24.57 30.90 -5.78
N THR C 197 -25.27 29.81 -5.48
CA THR C 197 -26.19 29.80 -4.36
C THR C 197 -25.50 28.95 -3.27
N HIS C 198 -25.28 29.58 -2.14
CA HIS C 198 -24.60 29.04 -0.99
C HIS C 198 -25.26 29.60 0.29
N LYS C 199 -25.28 28.79 1.32
CA LYS C 199 -25.87 29.02 2.62
C LYS C 199 -25.49 30.32 3.29
N THR C 200 -24.28 30.77 3.07
CA THR C 200 -23.75 32.01 3.60
C THR C 200 -24.40 33.27 3.05
N SER C 201 -25.43 33.20 2.23
CA SER C 201 -26.10 34.34 1.65
C SER C 201 -27.54 33.94 1.32
N THR C 202 -28.39 34.95 1.26
CA THR C 202 -29.81 34.69 0.91
C THR C 202 -29.89 35.07 -0.58
N SER C 203 -28.95 35.94 -0.95
CA SER C 203 -28.78 36.42 -2.30
C SER C 203 -27.56 35.72 -2.92
N PRO C 204 -27.75 35.12 -4.08
CA PRO C 204 -26.72 34.44 -4.81
C PRO C 204 -25.56 35.40 -5.10
N ILE C 205 -24.44 34.76 -5.37
CA ILE C 205 -23.22 35.45 -5.75
C ILE C 205 -23.16 35.38 -7.28
N VAL C 206 -23.32 36.58 -7.85
CA VAL C 206 -23.30 36.64 -9.31
C VAL C 206 -22.00 37.31 -9.72
N LYS C 207 -21.48 36.86 -10.85
CA LYS C 207 -20.30 37.30 -11.53
C LYS C 207 -20.62 37.19 -13.04
N SER C 208 -20.36 38.31 -13.73
CA SER C 208 -20.72 38.40 -15.12
C SER C 208 -19.78 39.05 -16.09
N PHE C 209 -20.29 39.22 -17.31
CA PHE C 209 -19.56 39.86 -18.39
C PHE C 209 -20.37 40.11 -19.67
N ASN C 210 -19.76 40.89 -20.56
CA ASN C 210 -20.23 41.30 -21.86
C ASN C 210 -19.33 40.71 -22.95
N ARG C 211 -19.89 39.80 -23.75
CA ARG C 211 -19.07 39.23 -24.83
C ARG C 211 -18.51 40.43 -25.60
N ASN C 212 -19.48 41.25 -25.97
CA ASN C 212 -19.31 42.46 -26.73
C ASN C 212 -18.47 43.53 -26.08
N GLU C 213 -18.47 43.71 -24.77
CA GLU C 213 -17.70 44.78 -24.16
C GLU C 213 -16.37 44.49 -23.54
N CYS C 214 -15.38 44.08 -24.32
CA CYS C 214 -14.02 43.79 -23.88
C CYS C 214 -13.84 42.31 -23.54
N GLU D 1 15.77 8.07 3.54
CA GLU D 1 14.44 7.48 3.77
C GLU D 1 14.11 6.34 2.82
N VAL D 2 12.99 5.69 3.15
CA VAL D 2 12.46 4.57 2.37
C VAL D 2 11.65 5.23 1.24
N GLN D 3 11.99 4.84 0.03
CA GLN D 3 11.26 5.44 -1.07
C GLN D 3 11.00 4.37 -2.13
N LEU D 4 9.78 4.43 -2.63
CA LEU D 4 9.36 3.57 -3.71
C LEU D 4 9.06 4.56 -4.87
N GLN D 5 9.84 4.46 -5.93
CA GLN D 5 9.65 5.24 -7.14
C GLN D 5 9.19 4.31 -8.26
N GLN D 6 7.91 4.39 -8.62
CA GLN D 6 7.43 3.50 -9.65
C GLN D 6 7.30 4.09 -11.04
N SER D 7 7.21 3.17 -12.02
CA SER D 7 7.13 3.49 -13.43
C SER D 7 6.02 4.49 -13.69
N GLY D 8 5.91 5.08 -14.87
CA GLY D 8 4.86 6.08 -15.12
C GLY D 8 3.54 5.44 -15.51
N PRO D 9 2.61 6.25 -15.98
CA PRO D 9 1.31 5.87 -16.45
C PRO D 9 1.38 5.02 -17.73
N GLU D 10 0.39 4.16 -18.00
CA GLU D 10 0.43 3.36 -19.20
C GLU D 10 -0.88 3.33 -19.99
N LEU D 11 -0.74 3.31 -21.32
CA LEU D 11 -1.94 3.16 -22.13
C LEU D 11 -1.62 1.88 -22.91
N GLU D 12 -2.52 0.95 -23.03
CA GLU D 12 -2.24 -0.30 -23.72
C GLU D 12 -3.59 -0.82 -24.26
N LYS D 13 -3.54 -1.75 -25.21
CA LYS D 13 -4.79 -2.26 -25.75
C LYS D 13 -5.16 -3.63 -25.17
N PRO D 14 -6.44 -3.82 -24.94
CA PRO D 14 -7.00 -5.08 -24.50
C PRO D 14 -6.30 -6.28 -25.09
N GLY D 15 -5.69 -7.06 -24.20
CA GLY D 15 -4.97 -8.27 -24.58
C GLY D 15 -3.48 -7.95 -24.45
N ALA D 16 -3.18 -6.66 -24.45
CA ALA D 16 -1.79 -6.23 -24.33
C ALA D 16 -1.31 -6.64 -22.94
N SER D 17 -0.02 -6.47 -22.69
CA SER D 17 0.60 -6.89 -21.45
C SER D 17 1.67 -5.93 -20.98
N VAL D 18 1.30 -5.00 -20.09
CA VAL D 18 2.22 -4.00 -19.56
C VAL D 18 3.11 -4.53 -18.43
N LYS D 19 4.22 -3.88 -18.17
CA LYS D 19 5.13 -4.22 -17.08
C LYS D 19 5.58 -2.98 -16.30
N ILE D 20 4.98 -2.83 -15.11
CA ILE D 20 5.25 -1.74 -14.21
C ILE D 20 6.35 -2.05 -13.22
N SER D 21 7.12 -1.02 -12.88
CA SER D 21 8.23 -1.25 -11.97
C SER D 21 8.08 -0.45 -10.70
N CYS D 22 9.04 -0.62 -9.80
CA CYS D 22 8.99 0.02 -8.50
C CYS D 22 10.35 0.06 -7.79
N LYS D 23 11.17 1.08 -8.05
CA LYS D 23 12.49 1.16 -7.44
C LYS D 23 12.42 1.40 -5.94
N ALA D 24 13.00 0.50 -5.18
CA ALA D 24 13.01 0.63 -3.72
C ALA D 24 14.38 1.19 -3.31
N SER D 25 14.39 2.07 -2.33
CA SER D 25 15.58 2.74 -1.83
C SER D 25 15.46 3.18 -0.37
N GLY D 26 16.60 3.22 0.29
CA GLY D 26 16.63 3.68 1.67
C GLY D 26 16.42 2.63 2.73
N TYR D 27 16.36 1.36 2.34
CA TYR D 27 16.18 0.22 3.23
C TYR D 27 16.77 -1.00 2.53
N SER D 28 16.99 -2.13 3.21
CA SER D 28 17.52 -3.31 2.58
C SER D 28 16.46 -4.10 1.80
N PHE D 29 16.49 -3.88 0.51
CA PHE D 29 15.53 -4.42 -0.41
C PHE D 29 15.12 -5.85 -0.07
N THR D 30 16.14 -6.70 -0.09
CA THR D 30 15.91 -8.11 0.15
C THR D 30 15.16 -8.35 1.42
N GLY D 31 15.65 -7.97 2.59
CA GLY D 31 14.92 -8.20 3.82
C GLY D 31 13.47 -7.85 3.92
N TYR D 32 12.71 -7.46 2.91
CA TYR D 32 11.32 -7.10 2.97
C TYR D 32 10.61 -7.68 1.74
N ASN D 33 9.29 -7.68 1.74
CA ASN D 33 8.52 -8.23 0.62
C ASN D 33 8.00 -7.14 -0.29
N MET D 34 7.62 -7.47 -1.52
CA MET D 34 7.02 -6.42 -2.33
C MET D 34 5.58 -6.82 -2.62
N ASN D 35 4.68 -6.06 -2.04
CA ASN D 35 3.24 -6.31 -2.22
C ASN D 35 2.71 -5.29 -3.24
N TRP D 36 1.73 -5.67 -4.04
CA TRP D 36 1.12 -4.80 -5.03
C TRP D 36 -0.41 -4.80 -4.82
N VAL D 37 -0.96 -3.62 -4.64
CA VAL D 37 -2.36 -3.34 -4.43
C VAL D 37 -2.89 -2.52 -5.62
N LYS D 38 -4.15 -2.71 -5.97
CA LYS D 38 -4.77 -1.97 -7.07
C LYS D 38 -5.94 -1.14 -6.53
N GLN D 39 -6.16 0.09 -6.97
CA GLN D 39 -7.27 0.92 -6.52
C GLN D 39 -8.05 1.55 -7.70
N SER D 40 -8.98 0.75 -8.12
CA SER D 40 -9.88 1.00 -9.21
C SER D 40 -10.92 2.05 -8.86
N ASN D 41 -10.95 3.10 -9.70
CA ASN D 41 -11.95 4.16 -9.56
C ASN D 41 -11.81 5.07 -8.38
N GLY D 42 -10.64 5.07 -7.74
CA GLY D 42 -10.32 5.84 -6.55
C GLY D 42 -11.03 5.25 -5.33
N LYS D 43 -11.65 4.11 -5.49
CA LYS D 43 -12.42 3.31 -4.61
C LYS D 43 -11.61 2.31 -3.80
N SER D 44 -12.14 1.14 -3.71
CA SER D 44 -11.70 -0.06 -3.08
C SER D 44 -10.29 -0.54 -3.36
N LEU D 45 -9.48 -0.76 -2.31
CA LEU D 45 -8.13 -1.29 -2.54
C LEU D 45 -8.22 -2.80 -2.72
N GLU D 46 -7.22 -3.37 -3.35
CA GLU D 46 -7.25 -4.81 -3.70
C GLU D 46 -5.79 -5.26 -3.82
N TRP D 47 -5.44 -6.30 -3.11
CA TRP D 47 -4.05 -6.80 -3.05
C TRP D 47 -3.83 -7.77 -4.20
N ILE D 48 -2.78 -7.58 -5.00
CA ILE D 48 -2.58 -8.50 -6.13
C ILE D 48 -1.67 -9.66 -5.81
N GLY D 49 -0.77 -9.48 -4.86
CA GLY D 49 0.12 -10.60 -4.49
C GLY D 49 1.45 -10.03 -4.02
N ASN D 50 2.43 -10.90 -3.76
CA ASN D 50 3.72 -10.33 -3.33
C ASN D 50 4.92 -11.20 -3.67
N ILE D 51 6.11 -10.78 -3.30
CA ILE D 51 7.33 -11.51 -3.60
C ILE D 51 8.33 -11.38 -2.47
N ASP D 52 9.19 -12.38 -2.24
CA ASP D 52 10.21 -12.15 -1.21
C ASP D 52 11.50 -12.05 -2.04
N PRO D 53 12.01 -10.86 -2.19
CA PRO D 53 13.25 -10.60 -2.91
C PRO D 53 14.23 -11.74 -2.66
N TYR D 54 14.50 -12.15 -1.43
CA TYR D 54 15.38 -13.18 -0.97
C TYR D 54 15.21 -14.64 -1.35
N TYR D 55 14.11 -15.25 -0.94
CA TYR D 55 13.80 -16.63 -1.24
C TYR D 55 13.05 -16.74 -2.57
N GLY D 56 12.47 -15.63 -3.01
CA GLY D 56 11.78 -15.59 -4.27
C GLY D 56 10.50 -16.36 -4.37
N GLY D 57 9.77 -16.45 -3.26
CA GLY D 57 8.50 -17.19 -3.23
C GLY D 57 7.40 -16.16 -3.40
N ILE D 58 6.41 -16.48 -4.22
CA ILE D 58 5.34 -15.55 -4.52
C ILE D 58 3.94 -16.01 -4.15
N SER D 59 3.14 -15.07 -3.66
CA SER D 59 1.74 -15.39 -3.30
C SER D 59 0.87 -14.48 -4.14
N TYR D 60 -0.24 -15.00 -4.65
CA TYR D 60 -1.16 -14.31 -5.51
C TYR D 60 -2.59 -14.23 -5.02
N ASN D 61 -3.14 -13.01 -5.21
CA ASN D 61 -4.57 -12.89 -4.86
C ASN D 61 -5.18 -13.97 -5.78
N GLN D 62 -6.08 -14.74 -5.24
CA GLN D 62 -6.76 -15.82 -5.89
C GLN D 62 -7.27 -15.47 -7.27
N LYS D 63 -7.58 -14.24 -7.62
CA LYS D 63 -8.11 -13.84 -8.89
C LYS D 63 -7.07 -13.24 -9.83
N PHE D 64 -6.06 -12.55 -9.32
CA PHE D 64 -5.05 -12.00 -10.22
C PHE D 64 -4.00 -13.04 -10.56
N LYS D 65 -4.11 -14.21 -9.99
CA LYS D 65 -3.20 -15.33 -10.17
C LYS D 65 -2.86 -15.64 -11.61
N GLY D 66 -3.89 -15.79 -12.45
CA GLY D 66 -3.72 -16.13 -13.84
C GLY D 66 -2.91 -15.18 -14.69
N ARG D 67 -3.05 -13.87 -14.46
CA ARG D 67 -2.41 -12.82 -15.18
C ARG D 67 -1.45 -11.89 -14.48
N ALA D 68 -1.25 -11.86 -13.16
CA ALA D 68 -0.24 -10.92 -12.65
C ALA D 68 1.07 -11.71 -12.66
N THR D 69 2.22 -11.08 -12.66
CA THR D 69 3.49 -11.83 -12.67
C THR D 69 4.53 -11.06 -11.86
N LEU D 70 4.83 -11.48 -10.62
CA LEU D 70 5.78 -10.71 -9.83
C LEU D 70 7.21 -11.17 -10.00
N THR D 71 8.16 -10.25 -9.99
CA THR D 71 9.58 -10.59 -10.09
C THR D 71 10.42 -9.56 -9.32
N VAL D 72 11.67 -9.84 -9.07
CA VAL D 72 12.52 -8.89 -8.32
C VAL D 72 13.84 -8.75 -9.07
N ASP D 73 14.51 -7.60 -8.95
CA ASP D 73 15.81 -7.39 -9.55
C ASP D 73 16.70 -6.87 -8.42
N LYS D 74 17.39 -7.78 -7.79
CA LYS D 74 18.23 -7.41 -6.65
C LYS D 74 19.26 -6.37 -6.97
N SER D 75 20.00 -6.46 -8.07
CA SER D 75 21.02 -5.51 -8.51
C SER D 75 20.51 -4.06 -8.53
N SER D 76 19.32 -3.90 -9.12
CA SER D 76 18.70 -2.59 -9.20
C SER D 76 17.84 -2.34 -7.96
N SER D 77 17.48 -3.41 -7.25
CA SER D 77 16.62 -3.29 -6.08
C SER D 77 15.27 -2.85 -6.69
N THR D 78 14.85 -3.55 -7.72
CA THR D 78 13.62 -3.15 -8.41
C THR D 78 12.61 -4.27 -8.54
N ALA D 79 11.39 -3.95 -8.18
CA ALA D 79 10.26 -4.88 -8.22
C ALA D 79 9.45 -4.64 -9.48
N TYR D 80 8.81 -5.65 -10.07
CA TYR D 80 8.08 -5.45 -11.30
C TYR D 80 6.71 -6.13 -11.24
N MET D 81 5.83 -5.73 -12.12
CA MET D 81 4.52 -6.33 -12.21
C MET D 81 3.97 -6.22 -13.63
N GLN D 82 3.96 -7.37 -14.32
CA GLN D 82 3.44 -7.48 -15.66
C GLN D 82 2.02 -8.09 -15.54
N LEU D 83 1.07 -7.42 -16.14
CA LEU D 83 -0.31 -7.90 -16.11
C LEU D 83 -0.67 -8.31 -17.53
N LYS D 84 -0.47 -9.56 -17.89
CA LYS D 84 -0.77 -10.02 -19.24
C LYS D 84 -2.23 -9.87 -19.60
N SER D 85 -2.55 -10.08 -20.86
CA SER D 85 -3.90 -9.96 -21.40
C SER D 85 -4.81 -8.97 -20.68
N LEU D 86 -4.41 -7.71 -20.62
CA LEU D 86 -5.21 -6.67 -19.99
C LEU D 86 -6.60 -6.56 -20.57
N THR D 87 -7.61 -6.58 -19.74
CA THR D 87 -9.02 -6.44 -20.15
C THR D 87 -9.43 -5.06 -19.72
N SER D 88 -10.55 -4.51 -20.13
CA SER D 88 -10.89 -3.15 -19.71
C SER D 88 -11.12 -2.91 -18.24
N GLU D 89 -11.20 -3.95 -17.43
CA GLU D 89 -11.37 -3.85 -15.99
C GLU D 89 -10.04 -3.76 -15.28
N ASP D 90 -8.92 -3.91 -15.96
CA ASP D 90 -7.62 -3.84 -15.31
C ASP D 90 -7.26 -2.39 -14.98
N SER D 91 -7.90 -1.47 -15.69
CA SER D 91 -7.67 -0.05 -15.57
C SER D 91 -7.87 0.44 -14.14
N ALA D 92 -6.73 0.69 -13.50
CA ALA D 92 -6.72 1.10 -12.11
C ALA D 92 -5.38 1.75 -11.78
N VAL D 93 -5.19 2.08 -10.51
CA VAL D 93 -3.94 2.69 -10.07
C VAL D 93 -3.17 1.52 -9.43
N TYR D 94 -1.90 1.36 -9.80
CA TYR D 94 -1.22 0.23 -9.17
C TYR D 94 -0.19 0.81 -8.22
N TYR D 95 -0.19 0.21 -7.04
CA TYR D 95 0.73 0.60 -5.98
C TYR D 95 1.62 -0.54 -5.49
N CYS D 96 2.93 -0.37 -5.54
CA CYS D 96 3.79 -1.39 -4.95
C CYS D 96 3.82 -0.96 -3.47
N ALA D 97 3.96 -1.88 -2.54
CA ALA D 97 3.94 -1.53 -1.12
C ALA D 97 4.79 -2.59 -0.44
N ARG D 98 5.53 -2.15 0.55
CA ARG D 98 6.39 -3.04 1.34
C ARG D 98 5.68 -3.55 2.59
N SER D 99 6.10 -4.75 2.98
CA SER D 99 5.58 -5.43 4.14
C SER D 99 6.59 -6.45 4.63
N ARG D 100 6.55 -6.73 5.93
CA ARG D 100 7.48 -7.72 6.43
C ARG D 100 6.97 -9.10 5.94
N THR D 101 7.72 -10.09 6.45
CA THR D 101 7.39 -11.45 6.12
C THR D 101 6.21 -12.00 6.81
N ASP D 102 5.82 -11.78 8.06
CA ASP D 102 4.53 -12.57 8.27
C ASP D 102 3.45 -11.62 8.65
N LEU D 103 3.88 -10.37 8.69
CA LEU D 103 3.02 -9.25 9.03
C LEU D 103 2.76 -8.48 7.74
N TYR D 104 1.64 -8.86 7.13
CA TYR D 104 1.17 -8.32 5.88
C TYR D 104 0.28 -7.10 6.03
N TYR D 105 0.80 -6.17 6.76
CA TYR D 105 0.42 -4.83 7.12
C TYR D 105 1.40 -3.96 6.30
N PHE D 106 0.93 -3.05 5.45
CA PHE D 106 1.79 -2.31 4.55
C PHE D 106 2.34 -0.99 5.02
N ASP D 107 3.63 -1.01 5.19
CA ASP D 107 4.63 -0.12 5.62
C ASP D 107 4.85 1.18 4.85
N TYR D 108 5.29 1.02 3.60
CA TYR D 108 5.57 2.12 2.70
C TYR D 108 4.96 1.77 1.35
N TRP D 109 4.39 2.76 0.68
CA TRP D 109 3.70 2.65 -0.59
C TRP D 109 4.31 3.47 -1.74
N GLY D 110 4.18 2.89 -2.94
CA GLY D 110 4.71 3.61 -4.12
C GLY D 110 3.70 4.75 -4.33
N GLN D 111 3.99 5.66 -5.25
CA GLN D 111 3.15 6.80 -5.56
C GLN D 111 1.95 6.51 -6.44
N GLY D 112 1.90 5.36 -7.07
CA GLY D 112 0.80 5.00 -7.93
C GLY D 112 1.25 5.01 -9.39
N THR D 113 0.42 4.37 -10.20
CA THR D 113 0.70 4.27 -11.62
C THR D 113 -0.64 3.94 -12.28
N THR D 114 -1.12 4.95 -13.01
CA THR D 114 -2.36 4.84 -13.75
C THR D 114 -2.17 3.91 -14.95
N LEU D 115 -3.09 2.97 -15.09
CA LEU D 115 -3.09 2.00 -16.17
C LEU D 115 -4.49 1.94 -16.79
N THR D 116 -4.62 2.66 -17.91
CA THR D 116 -5.88 2.69 -18.64
C THR D 116 -5.85 1.60 -19.71
N VAL D 117 -6.90 0.79 -19.72
CA VAL D 117 -7.00 -0.32 -20.67
C VAL D 117 -8.10 0.02 -21.67
N SER D 118 -7.64 0.56 -22.80
CA SER D 118 -8.52 1.02 -23.85
C SER D 118 -8.11 0.86 -25.31
N SER D 119 -9.12 1.18 -26.11
CA SER D 119 -9.19 1.24 -27.54
C SER D 119 -8.85 2.67 -28.02
N ALA D 120 -9.71 3.60 -27.62
CA ALA D 120 -9.61 5.00 -27.94
C ALA D 120 -8.22 5.50 -28.24
N LYS D 121 -8.13 6.38 -29.24
CA LYS D 121 -6.86 6.94 -29.65
C LYS D 121 -6.36 8.00 -28.67
N THR D 122 -5.09 7.94 -28.30
CA THR D 122 -4.55 8.96 -27.41
C THR D 122 -4.95 10.33 -28.01
N THR D 123 -5.31 11.26 -27.14
CA THR D 123 -5.68 12.59 -27.59
C THR D 123 -4.94 13.60 -26.71
N ALA D 124 -4.12 14.42 -27.34
CA ALA D 124 -3.45 15.45 -26.52
C ALA D 124 -4.56 16.46 -26.26
N PRO D 125 -4.39 17.28 -25.25
CA PRO D 125 -5.32 18.30 -24.82
C PRO D 125 -5.07 19.67 -25.46
N SER D 126 -6.03 20.58 -25.28
CA SER D 126 -5.88 21.95 -25.79
C SER D 126 -5.88 22.85 -24.54
N VAL D 127 -4.80 23.56 -24.32
CA VAL D 127 -4.63 24.41 -23.15
C VAL D 127 -4.87 25.86 -23.50
N TYR D 128 -5.66 26.60 -22.73
CA TYR D 128 -5.94 28.02 -23.03
C TYR D 128 -5.81 28.93 -21.82
N PRO D 129 -5.10 30.03 -21.93
CA PRO D 129 -4.91 30.99 -20.85
C PRO D 129 -6.26 31.56 -20.41
N LEU D 130 -6.47 31.78 -19.12
CA LEU D 130 -7.75 32.36 -18.70
C LEU D 130 -7.45 33.68 -17.98
N ALA D 131 -7.76 34.81 -18.61
CA ALA D 131 -7.43 36.07 -17.97
C ALA D 131 -8.64 36.80 -17.43
N PRO D 132 -8.41 37.44 -16.29
CA PRO D 132 -9.43 38.21 -15.60
C PRO D 132 -10.15 39.10 -16.60
N VAL D 133 -11.46 38.99 -16.64
CA VAL D 133 -12.32 39.72 -17.54
C VAL D 133 -11.72 40.87 -18.34
N CYS D 134 -11.65 42.08 -17.80
CA CYS D 134 -11.13 43.21 -18.55
C CYS D 134 -11.23 44.45 -17.66
N GLY D 135 -10.08 44.91 -17.16
CA GLY D 135 -10.07 46.09 -16.30
C GLY D 135 -8.67 46.43 -15.82
N ASP D 136 -8.11 45.58 -14.98
CA ASP D 136 -6.83 45.73 -14.35
C ASP D 136 -7.00 46.74 -13.19
N THR D 137 -8.13 46.48 -12.56
CA THR D 137 -8.69 47.16 -11.43
C THR D 137 -7.97 46.78 -10.13
N THR D 138 -8.68 47.05 -9.04
CA THR D 138 -8.20 46.73 -7.71
C THR D 138 -8.80 45.40 -7.26
N GLY D 139 -9.07 45.28 -5.97
CA GLY D 139 -9.61 44.03 -5.42
C GLY D 139 -8.53 43.38 -4.55
N SER D 140 -7.33 43.95 -4.61
CA SER D 140 -6.16 43.56 -3.89
C SER D 140 -5.59 42.17 -4.08
N SER D 141 -6.12 41.41 -5.01
CA SER D 141 -5.67 40.07 -5.37
C SER D 141 -6.34 39.74 -6.71
N VAL D 142 -5.72 38.89 -7.52
CA VAL D 142 -6.32 38.57 -8.82
C VAL D 142 -6.22 37.09 -9.10
N THR D 143 -7.26 36.54 -9.73
CA THR D 143 -7.29 35.12 -10.04
C THR D 143 -7.11 34.95 -11.55
N LEU D 144 -6.14 34.14 -11.89
CA LEU D 144 -5.83 33.79 -13.27
C LEU D 144 -6.15 32.31 -13.44
N GLY D 145 -6.35 31.79 -14.63
CA GLY D 145 -6.68 30.37 -14.76
C GLY D 145 -6.17 29.67 -15.99
N CYS D 146 -6.33 28.35 -16.00
CA CYS D 146 -5.87 27.54 -17.13
C CYS D 146 -6.78 26.36 -17.39
N LEU D 147 -7.28 26.32 -18.63
CA LEU D 147 -8.19 25.27 -19.04
C LEU D 147 -7.59 24.30 -20.05
N VAL D 148 -7.54 23.04 -19.68
CA VAL D 148 -7.03 21.92 -20.43
C VAL D 148 -8.15 21.02 -20.96
N LYS D 149 -8.65 21.32 -22.14
CA LYS D 149 -9.74 20.62 -22.77
C LYS D 149 -9.36 19.59 -23.82
N GLY D 150 -10.07 18.47 -23.78
CA GLY D 150 -9.99 17.34 -24.63
C GLY D 150 -8.77 16.48 -24.74
N TYR D 151 -8.63 15.46 -23.88
CA TYR D 151 -7.46 14.59 -24.01
C TYR D 151 -7.81 13.15 -23.69
N PHE D 152 -6.83 12.28 -23.89
CA PHE D 152 -6.98 10.87 -23.63
C PHE D 152 -5.66 10.16 -23.47
N PRO D 153 -5.44 9.41 -22.45
CA PRO D 153 -6.24 9.11 -21.30
C PRO D 153 -6.08 10.15 -20.18
N GLU D 154 -6.43 9.76 -18.98
CA GLU D 154 -6.48 10.50 -17.77
C GLU D 154 -5.27 11.06 -17.11
N PRO D 155 -4.10 10.46 -17.10
CA PRO D 155 -2.95 10.98 -16.37
C PRO D 155 -2.42 12.26 -16.96
N VAL D 156 -2.72 13.43 -16.40
CA VAL D 156 -2.17 14.67 -16.96
C VAL D 156 -1.57 15.50 -15.85
N THR D 157 -0.53 16.27 -16.16
CA THR D 157 0.11 17.04 -15.09
C THR D 157 0.21 18.51 -15.32
N LEU D 158 -0.59 19.29 -14.59
CA LEU D 158 -0.50 20.75 -14.77
C LEU D 158 0.23 21.34 -13.58
N THR D 159 1.14 22.25 -13.86
CA THR D 159 1.92 22.98 -12.86
C THR D 159 1.72 24.48 -13.15
N TRP D 160 2.21 25.40 -12.36
CA TRP D 160 2.09 26.84 -12.59
C TRP D 160 3.46 27.45 -12.26
N ASN D 161 4.20 27.91 -13.24
CA ASN D 161 5.51 28.49 -12.99
C ASN D 161 6.53 27.40 -12.67
N SER D 162 6.22 26.25 -13.26
CA SER D 162 6.99 25.02 -13.12
C SER D 162 7.04 24.62 -11.66
N GLY D 163 5.89 24.74 -10.98
CA GLY D 163 5.83 24.40 -9.56
C GLY D 163 6.49 25.47 -8.71
N SER D 164 7.02 26.56 -9.27
CA SER D 164 7.61 27.61 -8.45
C SER D 164 6.47 28.36 -7.75
N LEU D 165 5.31 28.23 -8.38
CA LEU D 165 4.08 28.84 -7.89
C LEU D 165 3.26 27.73 -7.23
N SER D 166 3.88 27.13 -6.22
CA SER D 166 3.24 26.03 -5.52
C SER D 166 1.88 26.41 -4.97
N SER D 167 1.78 27.44 -4.11
CA SER D 167 0.50 27.75 -3.53
C SER D 167 -0.36 28.74 -4.26
N GLY D 168 -1.53 28.97 -3.64
CA GLY D 168 -2.57 29.86 -4.12
C GLY D 168 -3.40 29.18 -5.20
N VAL D 169 -3.03 27.98 -5.59
CA VAL D 169 -3.63 27.19 -6.62
C VAL D 169 -4.75 26.27 -6.25
N HIS D 170 -5.44 25.75 -7.26
CA HIS D 170 -6.55 24.86 -7.16
C HIS D 170 -6.68 24.07 -8.47
N THR D 171 -6.01 22.95 -8.58
CA THR D 171 -6.23 22.23 -9.87
C THR D 171 -7.43 21.35 -9.66
N PHE D 172 -8.27 21.10 -10.65
CA PHE D 172 -9.48 20.34 -10.40
C PHE D 172 -9.57 19.03 -11.17
N PRO D 173 -10.00 17.98 -10.47
CA PRO D 173 -10.17 16.66 -11.05
C PRO D 173 -10.81 16.86 -12.42
N ALA D 174 -10.41 15.98 -13.33
CA ALA D 174 -10.91 15.98 -14.69
C ALA D 174 -12.26 15.26 -14.74
N VAL D 175 -12.99 15.62 -15.78
CA VAL D 175 -14.30 15.03 -16.00
C VAL D 175 -14.30 14.40 -17.40
N LEU D 176 -14.88 13.23 -17.47
CA LEU D 176 -15.02 12.49 -18.72
C LEU D 176 -16.22 13.04 -19.49
N GLN D 177 -15.95 13.53 -20.69
CA GLN D 177 -16.92 14.06 -21.63
C GLN D 177 -16.72 13.26 -22.94
N SER D 178 -17.79 12.60 -23.39
CA SER D 178 -17.69 11.84 -24.64
C SER D 178 -16.30 11.29 -24.91
N ASP D 179 -15.85 10.27 -24.21
CA ASP D 179 -14.56 9.64 -24.39
C ASP D 179 -13.31 10.48 -24.37
N LEU D 180 -13.35 11.70 -23.86
CA LEU D 180 -12.22 12.60 -23.79
C LEU D 180 -12.30 13.32 -22.43
N TYR D 181 -11.23 14.00 -22.05
CA TYR D 181 -11.16 14.67 -20.77
C TYR D 181 -10.99 16.18 -20.82
N THR D 182 -11.62 16.84 -19.86
CA THR D 182 -11.61 18.27 -19.67
C THR D 182 -11.27 18.56 -18.20
N LEU D 183 -10.08 19.08 -17.99
CA LEU D 183 -9.57 19.42 -16.65
C LEU D 183 -9.17 20.90 -16.70
N SER D 184 -9.15 21.59 -15.59
CA SER D 184 -8.88 23.00 -15.48
C SER D 184 -8.27 23.38 -14.12
N SER D 185 -7.66 24.55 -14.10
CA SER D 185 -7.04 25.01 -12.86
C SER D 185 -7.26 26.51 -12.64
N SER D 186 -7.05 26.91 -11.40
CA SER D 186 -7.20 28.25 -10.88
C SER D 186 -6.02 28.71 -10.04
N VAL D 187 -5.52 29.92 -10.25
CA VAL D 187 -4.42 30.48 -9.48
C VAL D 187 -4.75 31.89 -9.01
N THR D 188 -4.52 32.17 -7.75
CA THR D 188 -4.87 33.45 -7.16
C THR D 188 -3.68 34.12 -6.50
N VAL D 189 -3.20 35.19 -7.12
CA VAL D 189 -2.08 35.92 -6.51
C VAL D 189 -2.59 37.30 -6.12
N THR D 190 -1.70 38.20 -5.77
CA THR D 190 -2.04 39.56 -5.39
C THR D 190 -2.12 40.53 -6.55
N SER D 191 -3.00 41.52 -6.46
CA SER D 191 -3.15 42.56 -7.48
C SER D 191 -1.80 43.23 -7.80
N SER D 192 -0.74 42.95 -7.09
CA SER D 192 0.59 43.45 -7.20
C SER D 192 1.57 42.41 -7.72
N THR D 193 1.13 41.16 -7.85
CA THR D 193 2.11 40.18 -8.39
C THR D 193 1.84 39.94 -9.86
N TRP D 194 0.65 40.35 -10.30
CA TRP D 194 0.26 40.25 -11.69
C TRP D 194 -0.32 41.54 -12.21
N PRO D 195 -0.16 41.93 -13.43
CA PRO D 195 0.44 41.39 -14.58
C PRO D 195 1.94 41.43 -14.67
N SER D 196 2.56 42.28 -13.87
CA SER D 196 3.99 42.47 -13.84
C SER D 196 4.79 41.18 -13.82
N GLN D 197 4.52 40.33 -12.81
CA GLN D 197 5.26 39.05 -12.76
C GLN D 197 4.55 38.12 -13.76
N SER D 198 5.31 37.37 -14.53
CA SER D 198 4.67 36.45 -15.48
C SER D 198 4.20 35.18 -14.80
N ILE D 199 3.02 34.69 -15.18
CA ILE D 199 2.51 33.41 -14.64
C ILE D 199 2.28 32.47 -15.82
N THR D 200 2.65 31.21 -15.73
CA THR D 200 2.50 30.30 -16.86
C THR D 200 1.93 28.94 -16.52
N CYS D 201 0.70 28.63 -16.91
CA CYS D 201 0.24 27.27 -16.60
C CYS D 201 1.01 26.32 -17.51
N ASN D 202 1.42 25.14 -17.06
CA ASN D 202 2.13 24.22 -17.92
C ASN D 202 1.60 22.80 -17.78
N VAL D 203 1.12 22.25 -18.89
CA VAL D 203 0.54 20.93 -18.92
C VAL D 203 1.40 19.91 -19.65
N ALA D 204 1.50 18.73 -19.08
CA ALA D 204 2.22 17.63 -19.68
C ALA D 204 1.22 16.52 -20.03
N HIS D 205 1.68 15.61 -20.90
CA HIS D 205 0.82 14.52 -21.35
C HIS D 205 1.58 13.31 -21.87
N PRO D 206 1.94 12.41 -20.96
CA PRO D 206 2.66 11.19 -21.20
C PRO D 206 2.27 10.43 -22.46
N ALA D 207 0.99 10.17 -22.62
CA ALA D 207 0.37 9.40 -23.65
C ALA D 207 0.63 9.83 -25.08
N SER D 208 1.01 11.08 -25.24
CA SER D 208 1.29 11.71 -26.52
C SER D 208 2.57 12.55 -26.43
N SER D 209 3.35 12.36 -25.37
CA SER D 209 4.58 13.18 -25.26
C SER D 209 4.27 14.65 -25.54
N THR D 210 3.51 15.27 -24.65
CA THR D 210 3.07 16.66 -24.83
C THR D 210 3.61 17.61 -23.78
N LYS D 211 4.31 18.67 -24.15
CA LYS D 211 4.81 19.67 -23.20
C LYS D 211 4.27 21.05 -23.64
N VAL D 212 3.32 21.58 -22.89
CA VAL D 212 2.69 22.83 -23.25
C VAL D 212 2.82 23.88 -22.16
N ASP D 213 3.46 24.99 -22.48
CA ASP D 213 3.57 26.08 -21.53
C ASP D 213 2.73 27.22 -22.09
N LYS D 214 1.63 27.59 -21.43
CA LYS D 214 0.77 28.66 -21.92
C LYS D 214 0.83 29.87 -21.00
N LYS D 215 1.42 30.98 -21.48
CA LYS D 215 1.57 32.19 -20.70
C LYS D 215 0.28 32.99 -20.63
N ILE D 216 -0.03 33.40 -19.39
CA ILE D 216 -1.27 34.15 -19.19
C ILE D 216 -1.03 35.62 -19.50
N GLU D 217 -1.76 36.02 -20.53
CA GLU D 217 -1.65 37.38 -21.02
C GLU D 217 -2.94 38.18 -20.83
N PRO D 218 -2.76 39.39 -20.36
CA PRO D 218 -3.83 40.35 -20.14
C PRO D 218 -4.55 40.69 -21.44
N ARG D 219 -5.63 41.49 -21.36
CA ARG D 219 -6.38 41.85 -22.56
C ARG D 219 -6.53 43.37 -22.72
#